data_7C75
#
_entry.id   7C75
#
_cell.length_a   79.910
_cell.length_b   84.830
_cell.length_c   98.560
_cell.angle_alpha   90.000
_cell.angle_beta   90.000
_cell.angle_gamma   90.000
#
_symmetry.space_group_name_H-M   'P 21 21 21'
#
loop_
_entity.id
_entity.type
_entity.pdbx_description
1 polymer Lactoperoxidase
2 non-polymer 2-acetamido-2-deoxy-beta-D-glucopyranose
3 non-polymer 'CALCIUM ION'
4 non-polymer 'PROTOPORPHYRIN IX CONTAINING FE'
5 non-polymer 'POTASSIUM ION'
6 non-polymer 'ZINC ION'
7 non-polymer 'SODIUM ION'
8 water water
#
_entity_poly.entity_id   1
_entity_poly.type   'polypeptide(L)'
_entity_poly.pdbx_seq_one_letter_code
;SWEVGCGAPVPLVKCDENSPYRTITGDCNNRRSPALGAANRALARWLPAEYEDGLALPFGWTQRKTRNGFRVPLAREVSN
KIVGYLDEEGVLDQNRSLLFMQWGQIVDHDLDFAPETELGSNEHSKTQCEEYCIQGDNCFPIMFPKNDPKLKTQGKCMPF
FRAGFVCPTPPYQSLAREQINAVTSFLDASLVYGSEPSLASRLRNLSSPLGLMAVNQEAWDHGLAYLPFNNKKPSPCEFI
NTTARVPCFLAGDFRASEQILLATAHTLLLREHNRLARELKKLNPHWNGEKLYQEARKILGAFIQIITFRDYLPIVLGSE
MQKWIPPYQGYNNSVDPRISNVFTFAFRFGHMEVPSTVSRLDENYQPWGPEAELPLHTLFFNTWRIIKDGGIDPLVRGLL
AKKSKLMNQDKMVTSELRNKLFQPTHKIHGFDLAAINLQRCRDHGMPGYNSWRGFCGLSQPKTLKGLQTVLKNKILAKKL
MDLYKTPDNIDIWIGGNAEPMVERGRVGPLLACLLGRQFQQIRDGDRFWWENPGVFTEKQRDSLQKVSFSRLICDNTHIT
KVPLHAFQANNYPHDFVDCSTVDKLDLSPWASREN
;
_entity_poly.pdbx_strand_id   A
#
loop_
_chem_comp.id
_chem_comp.type
_chem_comp.name
_chem_comp.formula
CA non-polymer 'CALCIUM ION' 'Ca 2'
HEM non-polymer 'PROTOPORPHYRIN IX CONTAINING FE' 'C34 H32 Fe N4 O4'
K non-polymer 'POTASSIUM ION' 'K 1'
NA non-polymer 'SODIUM ION' 'Na 1'
NAG D-saccharide, beta linking 2-acetamido-2-deoxy-beta-D-glucopyranose 'C8 H15 N O6'
ZN non-polymer 'ZINC ION' 'Zn 2'
#
# COMPACT_ATOMS: atom_id res chain seq x y z
N SER A 1 -27.58 -15.94 17.20
CA SER A 1 -27.68 -14.49 16.86
C SER A 1 -26.48 -14.04 16.02
N TRP A 2 -26.55 -14.19 14.69
CA TRP A 2 -25.58 -13.61 13.71
C TRP A 2 -25.71 -12.08 13.76
N GLU A 3 -24.58 -11.37 13.84
CA GLU A 3 -24.53 -9.91 14.17
C GLU A 3 -23.86 -9.12 13.03
N VAL A 4 -24.68 -8.34 12.28
CA VAL A 4 -24.23 -7.20 11.43
C VAL A 4 -24.76 -5.91 12.10
N GLY A 5 -24.31 -5.65 13.33
CA GLY A 5 -24.78 -4.54 14.20
C GLY A 5 -23.67 -3.96 15.08
N CYS A 6 -22.44 -3.83 14.53
CA CYS A 6 -21.28 -3.12 15.12
C CYS A 6 -20.46 -2.45 14.00
N GLY A 7 -19.85 -1.27 14.26
CA GLY A 7 -18.86 -0.61 13.38
C GLY A 7 -18.80 0.91 13.54
N ALA A 8 -18.85 1.40 14.80
CA ALA A 8 -19.31 2.76 15.18
C ALA A 8 -18.74 3.86 14.28
N PRO A 9 -17.40 4.07 14.19
CA PRO A 9 -16.87 5.31 13.56
C PRO A 9 -17.08 5.47 12.04
N VAL A 10 -18.30 5.80 11.55
CA VAL A 10 -18.61 5.98 10.09
C VAL A 10 -19.60 7.12 9.84
N PRO A 11 -19.52 7.79 8.65
CA PRO A 11 -20.59 8.67 8.16
C PRO A 11 -21.82 7.89 7.66
N LEU A 12 -23.03 8.27 8.09
CA LEU A 12 -24.29 7.51 7.83
C LEU A 12 -25.11 8.19 6.72
N VAL A 13 -25.01 7.68 5.49
CA VAL A 13 -25.61 8.29 4.25
C VAL A 13 -26.82 7.47 3.77
N LYS A 14 -27.70 8.11 2.99
CA LYS A 14 -28.74 7.47 2.15
C LYS A 14 -28.17 7.38 0.72
N CYS A 15 -28.50 6.34 -0.05
CA CYS A 15 -27.85 6.04 -1.35
C CYS A 15 -28.65 6.62 -2.53
N ASP A 16 -28.01 7.45 -3.36
CA ASP A 16 -28.58 7.98 -4.62
C ASP A 16 -29.03 6.79 -5.47
N GLU A 17 -28.12 5.84 -5.67
CA GLU A 17 -28.45 4.48 -6.16
C GLU A 17 -28.67 4.50 -7.67
N ASN A 18 -28.74 5.68 -8.28
CA ASN A 18 -28.83 5.83 -9.75
C ASN A 18 -27.76 6.81 -10.25
N SER A 19 -26.92 7.34 -9.35
CA SER A 19 -25.71 8.13 -9.68
C SER A 19 -24.80 7.29 -10.56
N PRO A 20 -24.13 7.90 -11.56
CA PRO A 20 -23.09 7.20 -12.32
C PRO A 20 -21.68 7.34 -11.71
N TYR A 21 -21.56 7.86 -10.48
CA TYR A 21 -20.28 8.05 -9.74
C TYR A 21 -20.25 7.24 -8.43
N ARG A 22 -19.04 6.73 -8.08
CA ARG A 22 -18.73 6.11 -6.77
C ARG A 22 -18.99 7.12 -5.65
N THR A 23 -19.36 6.68 -4.45
CA THR A 23 -19.30 7.55 -3.24
C THR A 23 -17.79 7.73 -2.92
N ILE A 24 -17.47 8.68 -2.04
CA ILE A 24 -16.10 8.81 -1.45
C ILE A 24 -15.86 7.64 -0.48
N THR A 25 -16.82 7.37 0.41
CA THR A 25 -16.76 6.37 1.53
C THR A 25 -16.71 4.92 1.00
N GLY A 26 -17.22 4.66 -0.21
CA GLY A 26 -17.36 3.30 -0.78
C GLY A 26 -18.75 2.74 -0.51
N ASP A 27 -19.57 3.45 0.28
CA ASP A 27 -21.00 3.12 0.51
C ASP A 27 -21.71 3.02 -0.85
N CYS A 28 -22.83 2.28 -0.89
CA CYS A 28 -23.82 2.29 -2.00
C CYS A 28 -23.31 1.51 -3.20
N ASN A 29 -22.11 0.97 -3.15
CA ASN A 29 -21.54 0.21 -4.30
C ASN A 29 -22.38 -1.05 -4.52
N ASN A 30 -22.66 -1.77 -3.43
CA ASN A 30 -23.51 -2.98 -3.40
C ASN A 30 -24.88 -2.51 -2.93
N ARG A 31 -25.87 -2.50 -3.83
CA ARG A 31 -27.23 -1.96 -3.57
C ARG A 31 -27.91 -2.79 -2.47
N ARG A 32 -27.93 -4.12 -2.63
CA ARG A 32 -28.53 -5.06 -1.65
C ARG A 32 -27.83 -4.89 -0.29
N SER A 33 -26.55 -4.50 -0.26
CA SER A 33 -25.79 -4.20 0.98
C SER A 33 -24.95 -2.92 0.83
N PRO A 34 -25.53 -1.73 1.07
CA PRO A 34 -24.83 -0.47 0.85
C PRO A 34 -23.40 -0.36 1.47
N ALA A 35 -23.13 -1.00 2.61
CA ALA A 35 -21.90 -0.74 3.43
C ALA A 35 -20.75 -1.69 3.06
N LEU A 36 -21.01 -2.76 2.30
CA LEU A 36 -19.97 -3.71 1.79
C LEU A 36 -18.94 -2.98 0.92
N GLY A 37 -17.66 -3.05 1.30
CA GLY A 37 -16.54 -2.37 0.62
C GLY A 37 -16.26 -0.99 1.22
N ALA A 38 -17.23 -0.37 1.90
CA ALA A 38 -17.15 1.00 2.44
C ALA A 38 -16.00 1.08 3.44
N ALA A 39 -15.46 2.27 3.61
CA ALA A 39 -14.39 2.55 4.58
C ALA A 39 -15.03 2.71 5.95
N ASN A 40 -14.20 2.40 6.97
CA ASN A 40 -14.44 2.56 8.42
C ASN A 40 -15.37 1.44 8.93
N ARG A 41 -15.21 0.24 8.37
CA ARG A 41 -15.81 -1.01 8.90
C ARG A 41 -14.70 -2.08 9.09
N ALA A 42 -15.05 -3.19 9.72
CA ALA A 42 -14.15 -4.36 9.87
C ALA A 42 -13.56 -4.78 8.53
N LEU A 43 -12.31 -5.22 8.53
CA LEU A 43 -11.77 -6.08 7.44
C LEU A 43 -12.64 -7.34 7.38
N ALA A 44 -12.74 -7.98 6.22
CA ALA A 44 -13.38 -9.31 6.07
C ALA A 44 -12.51 -10.31 6.84
N ARG A 45 -13.12 -11.37 7.40
CA ARG A 45 -12.38 -12.54 7.97
C ARG A 45 -12.48 -13.76 7.02
N TRP A 46 -11.51 -14.01 6.13
CA TRP A 46 -11.42 -15.27 5.34
C TRP A 46 -11.26 -16.49 6.24
N LEU A 47 -10.65 -16.34 7.43
CA LEU A 47 -10.68 -17.32 8.56
C LEU A 47 -10.94 -16.55 9.86
N PRO A 48 -11.50 -17.21 10.90
CA PRO A 48 -11.68 -16.54 12.19
C PRO A 48 -10.35 -16.04 12.78
N ALA A 49 -10.43 -14.97 13.59
CA ALA A 49 -9.31 -14.40 14.37
C ALA A 49 -8.77 -15.48 15.32
N GLU A 50 -7.46 -15.55 15.48
CA GLU A 50 -6.79 -16.46 16.46
C GLU A 50 -6.08 -15.57 17.45
N TYR A 51 -6.62 -15.54 18.66
CA TYR A 51 -6.15 -14.70 19.78
C TYR A 51 -5.67 -15.61 20.91
N GLU A 52 -4.68 -15.14 21.65
CA GLU A 52 -4.13 -15.85 22.83
C GLU A 52 -5.30 -16.33 23.70
N ASP A 53 -6.27 -15.44 23.97
CA ASP A 53 -7.39 -15.68 24.92
C ASP A 53 -8.73 -15.74 24.18
N GLY A 54 -8.71 -16.08 22.89
CA GLY A 54 -9.92 -16.24 22.05
C GLY A 54 -10.56 -14.93 21.58
N LEU A 55 -10.29 -13.79 22.25
CA LEU A 55 -11.05 -12.51 22.11
C LEU A 55 -10.21 -11.38 21.50
N ALA A 56 -9.04 -11.05 22.06
CA ALA A 56 -8.34 -9.78 21.74
C ALA A 56 -6.83 -9.80 22.02
N LEU A 57 -6.31 -10.64 22.91
CA LEU A 57 -4.88 -10.61 23.29
C LEU A 57 -4.05 -11.30 22.22
N PRO A 58 -3.01 -10.64 21.69
CA PRO A 58 -2.24 -11.23 20.60
C PRO A 58 -1.42 -12.40 21.15
N PHE A 59 -1.21 -13.43 20.34
CA PHE A 59 -0.17 -14.46 20.61
C PHE A 59 1.15 -13.72 20.79
N GLY A 60 1.86 -14.01 21.89
CA GLY A 60 3.12 -13.34 22.30
C GLY A 60 2.91 -12.34 23.44
N TRP A 61 1.67 -12.08 23.85
CA TRP A 61 1.37 -11.05 24.88
C TRP A 61 1.71 -11.57 26.29
N THR A 62 1.29 -12.80 26.60
CA THR A 62 1.44 -13.42 27.94
C THR A 62 2.62 -14.38 27.90
N GLN A 63 3.65 -14.07 28.70
CA GLN A 63 4.98 -14.72 28.71
C GLN A 63 4.89 -15.95 29.61
N ARG A 64 4.22 -17.00 29.11
CA ARG A 64 3.75 -18.18 29.89
C ARG A 64 2.76 -18.96 29.00
N LYS A 65 1.74 -18.26 28.47
CA LYS A 65 0.78 -18.78 27.45
C LYS A 65 1.52 -19.16 26.18
N THR A 66 1.48 -20.44 25.81
CA THR A 66 2.04 -20.93 24.53
C THR A 66 1.04 -20.68 23.41
N ARG A 67 1.55 -20.79 22.19
CA ARG A 67 0.80 -21.16 20.98
C ARG A 67 1.12 -22.63 20.63
N ASN A 68 0.14 -23.53 20.79
CA ASN A 68 0.18 -24.98 20.47
C ASN A 68 1.33 -25.65 21.23
N GLY A 69 1.59 -25.21 22.46
CA GLY A 69 2.60 -25.83 23.35
C GLY A 69 3.99 -25.27 23.11
N PHE A 70 4.10 -24.19 22.36
CA PHE A 70 5.40 -23.50 22.15
C PHE A 70 5.20 -22.01 22.38
N ARG A 71 6.24 -21.37 22.92
CA ARG A 71 6.34 -19.90 23.07
C ARG A 71 6.51 -19.36 21.64
N VAL A 72 5.96 -18.19 21.35
CA VAL A 72 6.14 -17.52 20.02
C VAL A 72 7.42 -16.70 20.07
N PRO A 73 8.38 -16.92 19.13
CA PRO A 73 9.63 -16.16 19.13
C PRO A 73 9.36 -14.65 19.11
N LEU A 74 10.21 -13.85 19.74
CA LEU A 74 10.17 -12.36 19.68
C LEU A 74 10.13 -11.93 18.21
N ALA A 75 9.41 -10.88 17.86
CA ALA A 75 9.32 -10.40 16.47
C ALA A 75 10.72 -9.97 16.02
N ARG A 76 11.45 -9.27 16.89
CA ARG A 76 12.79 -8.71 16.55
C ARG A 76 13.82 -9.84 16.43
N GLU A 77 13.61 -10.97 17.12
CA GLU A 77 14.47 -12.17 17.04
C GLU A 77 14.31 -12.88 15.69
N VAL A 78 13.08 -12.95 15.15
CA VAL A 78 12.79 -13.57 13.83
C VAL A 78 13.44 -12.68 12.76
N SER A 79 13.22 -11.36 12.89
CA SER A 79 13.79 -10.32 12.01
C SER A 79 15.30 -10.51 11.94
N ASN A 80 15.95 -10.53 13.11
CA ASN A 80 17.43 -10.59 13.24
C ASN A 80 17.92 -11.89 12.60
N LYS A 81 17.27 -13.01 12.87
CA LYS A 81 17.86 -14.33 12.55
C LYS A 81 17.74 -14.61 11.06
N ILE A 82 16.71 -14.08 10.42
CA ILE A 82 16.21 -14.60 9.11
C ILE A 82 16.08 -13.48 8.08
N VAL A 83 15.63 -12.28 8.48
CA VAL A 83 15.14 -11.25 7.51
C VAL A 83 16.24 -10.23 7.22
N GLY A 84 17.23 -10.09 8.09
CA GLY A 84 18.37 -9.19 7.91
C GLY A 84 19.39 -9.78 6.94
N TYR A 85 20.20 -8.90 6.35
CA TYR A 85 21.38 -9.25 5.52
C TYR A 85 22.28 -8.02 5.40
N LEU A 86 23.54 -8.19 4.97
CA LEU A 86 24.58 -7.14 4.98
C LEU A 86 24.90 -6.65 3.56
N ASP A 87 25.04 -7.59 2.61
CA ASP A 87 25.57 -7.40 1.24
C ASP A 87 24.43 -7.05 0.27
N GLU A 88 24.38 -5.79 -0.20
CA GLU A 88 23.38 -5.29 -1.21
C GLU A 88 23.86 -5.59 -2.63
N GLU A 89 25.05 -6.15 -2.80
CA GLU A 89 25.59 -6.64 -4.10
C GLU A 89 24.73 -7.80 -4.60
N GLY A 90 24.25 -7.72 -5.84
CA GLY A 90 23.51 -8.79 -6.55
C GLY A 90 22.09 -8.99 -6.03
N VAL A 91 21.52 -8.00 -5.33
CA VAL A 91 20.22 -8.12 -4.59
C VAL A 91 19.08 -7.66 -5.49
N LEU A 92 19.41 -7.04 -6.62
CA LEU A 92 18.43 -6.24 -7.40
C LEU A 92 17.73 -7.12 -8.42
N ASP A 93 16.47 -6.81 -8.64
CA ASP A 93 15.61 -7.47 -9.65
C ASP A 93 16.14 -7.09 -11.04
N GLN A 94 16.65 -8.07 -11.78
CA GLN A 94 17.15 -7.87 -13.17
C GLN A 94 15.99 -7.63 -14.16
N ASN A 95 14.72 -7.81 -13.81
CA ASN A 95 13.64 -7.57 -14.80
C ASN A 95 12.45 -6.89 -14.12
N ARG A 96 12.70 -6.03 -13.12
CA ARG A 96 11.67 -5.14 -12.53
C ARG A 96 12.34 -3.82 -12.15
N SER A 97 11.83 -2.74 -12.70
CA SER A 97 12.15 -1.34 -12.31
C SER A 97 11.66 -1.09 -10.88
N LEU A 98 12.13 0.00 -10.29
CA LEU A 98 11.71 0.54 -8.97
C LEU A 98 10.23 0.92 -9.08
N LEU A 99 9.78 1.23 -10.29
CA LEU A 99 8.34 1.53 -10.55
C LEU A 99 7.49 0.32 -10.16
N PHE A 100 8.00 -0.90 -10.38
CA PHE A 100 7.29 -2.17 -10.03
C PHE A 100 6.96 -2.11 -8.54
N MET A 101 8.01 -1.92 -7.74
CA MET A 101 7.92 -1.72 -6.28
C MET A 101 6.83 -0.68 -6.02
N GLN A 102 7.05 0.52 -6.56
CA GLN A 102 6.41 1.79 -6.14
C GLN A 102 4.89 1.70 -6.35
N TRP A 103 4.48 1.07 -7.47
CA TRP A 103 3.05 0.83 -7.83
C TRP A 103 2.42 -0.14 -6.82
N GLY A 104 3.17 -1.16 -6.37
CA GLY A 104 2.76 -2.06 -5.28
C GLY A 104 2.10 -1.27 -4.17
N GLN A 105 2.81 -0.28 -3.65
CA GLN A 105 2.49 0.46 -2.41
C GLN A 105 1.29 1.38 -2.69
N ILE A 106 1.23 1.94 -3.89
CA ILE A 106 0.09 2.79 -4.36
C ILE A 106 -1.20 1.95 -4.40
N VAL A 107 -1.20 0.82 -5.11
CA VAL A 107 -2.33 -0.14 -5.16
C VAL A 107 -2.71 -0.48 -3.71
N ASP A 108 -1.73 -0.88 -2.90
CA ASP A 108 -1.96 -1.29 -1.49
C ASP A 108 -2.65 -0.13 -0.75
N HIS A 109 -2.22 1.11 -0.98
CA HIS A 109 -2.71 2.26 -0.19
C HIS A 109 -4.15 2.59 -0.57
N ASP A 110 -4.53 2.27 -1.81
CA ASP A 110 -5.92 2.42 -2.32
C ASP A 110 -6.85 1.39 -1.65
N LEU A 111 -6.36 0.17 -1.46
CA LEU A 111 -7.15 -1.00 -1.02
C LEU A 111 -7.39 -0.96 0.50
N ASP A 112 -6.35 -0.80 1.33
CA ASP A 112 -6.48 -1.07 2.78
C ASP A 112 -5.57 -0.15 3.61
N PHE A 113 -6.06 0.28 4.78
CA PHE A 113 -5.31 1.05 5.79
C PHE A 113 -5.89 0.74 7.17
N ALA A 114 -5.06 0.21 8.07
CA ALA A 114 -5.47 -0.26 9.41
C ALA A 114 -4.80 0.64 10.45
N PRO A 115 -5.44 1.76 10.83
CA PRO A 115 -4.76 2.82 11.58
C PRO A 115 -4.41 2.35 12.99
N GLU A 116 -3.29 2.81 13.56
CA GLU A 116 -2.88 2.56 14.97
C GLU A 116 -3.88 3.24 15.90
N THR A 117 -4.27 2.56 16.98
CA THR A 117 -5.12 3.12 18.07
C THR A 117 -4.62 4.53 18.41
N GLU A 118 -5.45 5.54 18.19
CA GLU A 118 -5.11 6.94 18.52
C GLU A 118 -4.98 7.04 20.05
N LEU A 119 -6.11 6.99 20.77
CA LEU A 119 -6.26 7.41 22.20
C LEU A 119 -5.40 8.65 22.43
N GLY A 120 -4.07 8.48 22.48
CA GLY A 120 -3.07 9.55 22.68
C GLY A 120 -3.02 10.51 21.50
N SER A 121 -3.52 11.74 21.68
CA SER A 121 -3.40 12.90 20.76
C SER A 121 -2.62 14.02 21.48
N ASN A 122 -1.50 13.62 22.13
CA ASN A 122 -0.76 14.33 23.22
C ASN A 122 -1.11 13.55 24.52
N GLU A 123 -0.14 12.81 25.10
CA GLU A 123 -0.39 11.60 25.95
C GLU A 123 0.81 11.26 26.86
N HIS A 124 0.55 10.65 28.02
CA HIS A 124 1.56 10.02 28.93
C HIS A 124 1.62 8.50 28.66
N SER A 125 0.60 7.96 27.97
CA SER A 125 0.49 6.55 27.54
C SER A 125 1.54 6.24 26.45
N LYS A 126 1.94 7.25 25.69
CA LYS A 126 3.01 7.11 24.66
C LYS A 126 4.38 7.12 25.38
N THR A 127 4.45 7.80 26.51
CA THR A 127 5.62 7.86 27.43
C THR A 127 5.81 6.49 28.09
N GLN A 128 4.76 5.95 28.69
CA GLN A 128 4.77 4.62 29.36
C GLN A 128 5.20 3.56 28.33
N CYS A 129 4.83 3.74 27.06
CA CYS A 129 5.15 2.82 25.92
C CYS A 129 6.62 2.95 25.51
N GLU A 130 6.99 4.10 24.92
CA GLU A 130 8.33 4.36 24.33
C GLU A 130 9.41 4.31 25.45
N GLU A 131 9.29 5.07 26.54
CA GLU A 131 10.44 5.31 27.48
C GLU A 131 10.54 4.17 28.50
N TYR A 132 9.42 3.52 28.80
CA TYR A 132 9.33 2.53 29.89
C TYR A 132 8.99 1.16 29.32
N CYS A 133 8.82 1.04 28.00
CA CYS A 133 8.55 -0.24 27.31
C CYS A 133 7.51 -1.08 28.08
N ILE A 134 6.45 -0.44 28.60
CA ILE A 134 5.39 -1.10 29.44
C ILE A 134 4.25 -1.57 28.53
N GLN A 135 4.16 -2.88 28.33
CA GLN A 135 3.01 -3.56 27.67
C GLN A 135 1.72 -3.32 28.47
N GLY A 136 0.68 -2.81 27.83
CA GLY A 136 -0.63 -2.63 28.45
C GLY A 136 -1.57 -1.88 27.53
N ASP A 137 -2.87 -2.11 27.67
CA ASP A 137 -3.89 -1.45 26.82
C ASP A 137 -3.39 -1.57 25.37
N ASN A 138 -3.07 -0.46 24.73
CA ASN A 138 -2.82 -0.46 23.26
C ASN A 138 -1.32 -0.50 22.98
N CYS A 139 -0.48 -0.23 23.98
CA CYS A 139 0.98 -0.41 23.91
C CYS A 139 1.29 -1.92 23.85
N PHE A 140 1.83 -2.40 22.73
CA PHE A 140 2.20 -3.84 22.56
C PHE A 140 3.63 -3.85 22.05
N PRO A 141 4.60 -3.42 22.89
CA PRO A 141 5.92 -3.02 22.41
C PRO A 141 6.73 -4.24 21.96
N ILE A 142 7.64 -3.98 21.01
CA ILE A 142 8.57 -4.99 20.40
C ILE A 142 9.86 -4.94 21.24
N MET A 143 10.00 -5.88 22.17
CA MET A 143 11.18 -6.00 23.06
C MET A 143 12.35 -6.51 22.23
N PHE A 144 13.53 -5.93 22.43
CA PHE A 144 14.80 -6.37 21.81
C PHE A 144 15.18 -7.70 22.44
N PRO A 145 15.66 -8.68 21.64
CA PRO A 145 16.19 -9.91 22.20
C PRO A 145 17.56 -9.62 22.83
N LYS A 146 18.15 -10.61 23.50
CA LYS A 146 19.55 -10.50 24.01
C LYS A 146 20.50 -10.48 22.80
N ASN A 147 21.58 -9.69 22.88
CA ASN A 147 22.63 -9.58 21.83
C ASN A 147 22.23 -8.45 20.88
N ASP A 148 21.05 -7.88 21.05
CA ASP A 148 20.51 -6.99 19.99
C ASP A 148 21.34 -5.73 20.07
N PRO A 149 21.96 -5.29 18.95
CA PRO A 149 22.71 -4.04 18.90
C PRO A 149 21.89 -2.80 19.28
N LYS A 150 20.57 -2.84 19.15
CA LYS A 150 19.73 -1.68 19.53
C LYS A 150 19.61 -1.62 21.05
N LEU A 151 19.89 -2.73 21.74
CA LEU A 151 19.86 -2.81 23.22
C LEU A 151 20.74 -1.71 23.81
N LYS A 152 21.90 -1.51 23.19
CA LYS A 152 23.00 -0.62 23.64
C LYS A 152 22.73 0.83 23.19
N THR A 153 21.89 1.04 22.17
CA THR A 153 21.78 2.29 21.37
C THR A 153 20.43 2.99 21.59
N GLN A 154 19.34 2.25 21.83
CA GLN A 154 17.96 2.81 21.78
C GLN A 154 17.27 2.60 23.14
N GLY A 155 17.20 1.34 23.61
CA GLY A 155 16.67 1.00 24.94
C GLY A 155 16.35 -0.49 25.06
N LYS A 156 15.16 -0.84 25.56
CA LYS A 156 14.70 -2.24 25.77
C LYS A 156 13.73 -2.68 24.67
N CYS A 157 13.11 -1.74 23.97
CA CYS A 157 12.00 -2.06 23.02
C CYS A 157 11.95 -1.01 21.88
N MET A 158 11.23 -1.33 20.81
CA MET A 158 10.55 -0.35 19.91
C MET A 158 9.11 -0.23 20.37
N PRO A 159 8.56 0.99 20.55
CA PRO A 159 7.15 1.14 20.88
C PRO A 159 6.32 0.67 19.68
N PHE A 160 5.15 0.12 19.98
CA PHE A 160 4.16 -0.40 18.99
C PHE A 160 2.79 -0.22 19.62
N PHE A 161 1.85 0.39 18.90
CA PHE A 161 0.44 0.48 19.35
C PHE A 161 -0.40 -0.47 18.51
N ARG A 162 -1.43 -1.03 19.11
CA ARG A 162 -2.30 -2.04 18.46
C ARG A 162 -3.16 -1.35 17.43
N ALA A 163 -3.64 -2.08 16.42
CA ALA A 163 -4.46 -1.53 15.32
C ALA A 163 -5.78 -1.06 15.94
N GLY A 164 -6.41 -0.05 15.37
CA GLY A 164 -7.82 0.28 15.67
C GLY A 164 -8.74 -0.90 15.38
N PHE A 165 -9.84 -1.01 16.13
CA PHE A 165 -10.76 -2.16 16.12
C PHE A 165 -12.21 -1.66 16.19
N VAL A 166 -13.12 -2.39 15.57
CA VAL A 166 -14.51 -1.91 15.33
C VAL A 166 -15.15 -1.64 16.67
N CYS A 167 -16.07 -0.66 16.66
CA CYS A 167 -16.84 -0.20 17.82
C CYS A 167 -15.85 0.20 18.91
N PRO A 168 -15.10 1.31 18.81
CA PRO A 168 -14.40 1.80 19.98
C PRO A 168 -15.62 2.07 20.88
N THR A 169 -16.09 1.01 21.56
CA THR A 169 -17.42 0.75 22.23
C THR A 169 -18.15 -0.37 21.46
N PRO A 170 -17.89 -1.69 21.72
CA PRO A 170 -18.52 -2.79 20.98
C PRO A 170 -20.05 -2.86 21.13
N PRO A 171 -20.75 -3.97 20.76
CA PRO A 171 -22.22 -4.04 20.91
C PRO A 171 -22.75 -4.65 22.24
N TYR A 172 -21.82 -4.98 23.15
CA TYR A 172 -21.91 -5.40 24.59
C TYR A 172 -22.08 -6.92 24.70
N GLN A 173 -21.99 -7.65 23.58
CA GLN A 173 -22.30 -9.10 23.46
C GLN A 173 -21.00 -9.87 23.80
N SER A 174 -20.43 -10.73 22.93
CA SER A 174 -19.11 -11.40 23.20
C SER A 174 -18.46 -11.99 21.94
N LEU A 175 -17.72 -11.15 21.19
CA LEU A 175 -17.10 -11.49 19.87
C LEU A 175 -15.60 -11.18 19.88
N ALA A 176 -14.88 -11.79 18.92
CA ALA A 176 -13.45 -11.54 18.67
C ALA A 176 -13.24 -10.12 18.08
N ARG A 177 -12.11 -9.51 18.42
CA ARG A 177 -11.69 -8.13 18.06
C ARG A 177 -11.40 -8.07 16.55
N GLU A 178 -11.99 -7.12 15.82
CA GLU A 178 -11.91 -7.00 14.33
C GLU A 178 -11.37 -5.61 13.92
N GLN A 179 -10.28 -5.59 13.15
CA GLN A 179 -9.56 -4.35 12.79
C GLN A 179 -10.33 -3.62 11.68
N ILE A 180 -10.30 -2.29 11.74
CA ILE A 180 -11.02 -1.40 10.79
C ILE A 180 -10.13 -1.20 9.54
N ASN A 181 -10.74 -1.16 8.36
CA ASN A 181 -10.15 -0.62 7.10
C ASN A 181 -10.71 0.78 6.83
N ALA A 182 -9.85 1.78 7.04
CA ALA A 182 -10.14 3.23 6.99
C ALA A 182 -10.20 3.71 5.55
N VAL A 183 -9.92 2.84 4.56
CA VAL A 183 -10.04 3.18 3.10
C VAL A 183 -11.04 2.24 2.40
N THR A 184 -11.44 2.65 1.19
CA THR A 184 -12.49 1.96 0.40
C THR A 184 -11.86 0.70 -0.22
N SER A 185 -12.56 -0.41 -0.17
CA SER A 185 -11.98 -1.71 -0.56
C SER A 185 -11.83 -1.74 -2.08
N PHE A 186 -12.62 -0.94 -2.80
CA PHE A 186 -12.62 -0.82 -4.28
C PHE A 186 -11.32 -0.11 -4.72
N LEU A 187 -10.81 -0.42 -5.93
CA LEU A 187 -9.64 0.24 -6.59
C LEU A 187 -10.15 1.49 -7.30
N ASP A 188 -10.24 2.60 -6.58
CA ASP A 188 -11.08 3.79 -6.93
C ASP A 188 -10.32 5.10 -6.70
N ALA A 189 -8.98 5.09 -6.68
CA ALA A 189 -8.12 6.27 -6.40
C ALA A 189 -8.64 7.04 -5.17
N SER A 190 -9.04 6.30 -4.12
CA SER A 190 -9.35 6.85 -2.76
C SER A 190 -8.12 7.55 -2.19
N LEU A 191 -6.91 7.09 -2.57
CA LEU A 191 -5.62 7.54 -1.98
C LEU A 191 -5.30 8.95 -2.53
N VAL A 192 -5.98 9.35 -3.60
CA VAL A 192 -5.90 10.69 -4.20
C VAL A 192 -7.00 11.60 -3.63
N TYR A 193 -8.23 11.08 -3.55
CA TYR A 193 -9.48 11.89 -3.36
C TYR A 193 -10.02 11.81 -1.93
N GLY A 194 -9.54 10.89 -1.09
CA GLY A 194 -10.11 10.63 0.26
C GLY A 194 -11.09 9.45 0.27
N SER A 195 -11.34 8.89 1.46
CA SER A 195 -12.38 7.85 1.72
C SER A 195 -13.38 8.40 2.74
N GLU A 196 -13.14 9.61 3.22
CA GLU A 196 -13.96 10.34 4.21
C GLU A 196 -14.42 11.61 3.51
N PRO A 197 -15.74 11.96 3.53
CA PRO A 197 -16.26 13.05 2.70
C PRO A 197 -15.56 14.41 2.93
N SER A 198 -15.23 14.73 4.19
CA SER A 198 -14.82 16.10 4.59
C SER A 198 -13.43 16.42 4.01
N LEU A 199 -12.45 15.54 4.23
CA LEU A 199 -11.10 15.63 3.62
C LEU A 199 -11.26 15.74 2.10
N ALA A 200 -12.03 14.83 1.48
CA ALA A 200 -12.25 14.80 0.02
C ALA A 200 -12.64 16.20 -0.49
N SER A 201 -13.31 17.00 0.32
CA SER A 201 -13.76 18.38 0.01
C SER A 201 -12.56 19.32 0.09
N ARG A 202 -11.84 19.30 1.21
CA ARG A 202 -10.65 20.15 1.50
C ARG A 202 -9.58 19.92 0.42
N LEU A 203 -9.53 18.72 -0.17
CA LEU A 203 -8.60 18.36 -1.28
C LEU A 203 -8.99 19.09 -2.59
N ARG A 204 -10.28 19.41 -2.77
CA ARG A 204 -10.81 19.96 -4.04
C ARG A 204 -10.51 21.46 -4.16
N ASN A 205 -10.52 21.96 -5.40
CA ASN A 205 -10.51 23.41 -5.70
C ASN A 205 -11.96 23.85 -5.90
N LEU A 206 -12.54 24.43 -4.86
CA LEU A 206 -13.95 24.93 -4.87
C LEU A 206 -13.99 26.42 -5.20
N SER A 207 -12.87 27.15 -5.13
CA SER A 207 -12.76 28.57 -5.59
C SER A 207 -13.10 28.72 -7.09
N SER A 208 -12.88 27.69 -7.90
CA SER A 208 -13.19 27.67 -9.36
C SER A 208 -14.20 26.56 -9.65
N PRO A 209 -15.10 26.72 -10.66
CA PRO A 209 -16.01 25.65 -11.06
C PRO A 209 -15.40 24.72 -12.15
N LEU A 210 -14.12 24.35 -11.97
CA LEU A 210 -13.31 23.60 -12.97
C LEU A 210 -13.02 22.17 -12.43
N GLY A 211 -13.53 21.85 -11.24
CA GLY A 211 -13.41 20.51 -10.64
C GLY A 211 -11.97 20.06 -10.56
N LEU A 212 -11.04 21.00 -10.34
CA LEU A 212 -9.60 20.69 -10.13
C LEU A 212 -9.47 20.16 -8.71
N MET A 213 -8.38 19.46 -8.44
CA MET A 213 -7.85 19.26 -7.06
C MET A 213 -6.99 20.47 -6.67
N ALA A 214 -7.08 20.88 -5.40
CA ALA A 214 -6.25 21.89 -4.71
C ALA A 214 -4.77 21.62 -4.99
N VAL A 215 -3.97 22.64 -5.37
CA VAL A 215 -2.48 22.55 -5.55
C VAL A 215 -1.79 23.54 -4.60
N ASN A 216 -0.54 23.20 -4.24
CA ASN A 216 0.37 24.05 -3.46
C ASN A 216 0.37 25.45 -4.08
N GLN A 217 0.42 26.49 -3.25
CA GLN A 217 0.40 27.91 -3.69
C GLN A 217 1.73 28.57 -3.35
N GLU A 218 2.63 27.88 -2.66
CA GLU A 218 3.94 28.44 -2.24
C GLU A 218 5.05 27.90 -3.12
N ALA A 219 4.98 26.64 -3.56
CA ALA A 219 6.04 25.97 -4.33
C ALA A 219 5.50 25.52 -5.69
N TRP A 220 6.36 25.55 -6.71
CA TRP A 220 6.09 24.93 -8.02
C TRP A 220 7.31 24.12 -8.47
N ASP A 221 7.06 23.10 -9.27
CA ASP A 221 8.08 22.27 -9.98
C ASP A 221 8.08 22.73 -11.45
N HIS A 222 8.84 23.81 -11.72
CA HIS A 222 9.08 24.41 -13.07
C HIS A 222 7.76 24.56 -13.83
N GLY A 223 6.74 25.13 -13.17
CA GLY A 223 5.37 25.26 -13.72
C GLY A 223 4.42 24.14 -13.29
N LEU A 224 4.90 22.91 -13.16
CA LEU A 224 4.01 21.77 -12.81
C LEU A 224 3.67 21.89 -11.32
N ALA A 225 2.72 21.10 -10.79
CA ALA A 225 2.07 21.32 -9.48
C ALA A 225 2.67 20.41 -8.41
N TYR A 226 2.67 20.91 -7.18
CA TYR A 226 2.88 20.11 -5.96
C TYR A 226 1.54 19.99 -5.22
N LEU A 227 1.38 18.93 -4.42
CA LEU A 227 0.22 18.77 -3.51
C LEU A 227 0.27 19.88 -2.47
N PRO A 228 -0.88 20.33 -1.93
CA PRO A 228 -0.88 21.25 -0.81
C PRO A 228 -0.08 20.61 0.33
N PHE A 229 0.39 21.46 1.24
CA PHE A 229 1.08 21.06 2.49
C PHE A 229 0.03 20.66 3.52
N ASN A 230 0.32 19.58 4.23
CA ASN A 230 -0.39 19.25 5.48
C ASN A 230 0.09 20.25 6.53
N ASN A 231 -0.71 21.25 6.84
CA ASN A 231 -0.36 22.33 7.79
C ASN A 231 -0.55 21.84 9.23
N LYS A 232 -0.94 20.59 9.47
CA LYS A 232 -1.04 19.97 10.82
C LYS A 232 0.36 19.85 11.44
N LYS A 233 0.53 20.34 12.67
CA LYS A 233 1.82 20.30 13.43
C LYS A 233 1.67 19.44 14.68
N PRO A 234 2.73 18.76 15.18
CA PRO A 234 4.09 18.81 14.60
C PRO A 234 4.31 17.89 13.40
N SER A 235 5.06 18.37 12.39
CA SER A 235 5.25 17.69 11.09
C SER A 235 6.48 16.82 11.14
N PRO A 236 6.39 15.49 10.97
CA PRO A 236 7.57 14.63 10.82
C PRO A 236 8.44 15.03 9.62
N CYS A 237 7.86 15.65 8.60
CA CYS A 237 8.60 16.11 7.39
C CYS A 237 9.42 17.38 7.70
N GLU A 238 8.96 18.20 8.65
CA GLU A 238 9.73 19.37 9.15
C GLU A 238 10.86 18.89 10.06
N PHE A 239 10.61 17.81 10.81
CA PHE A 239 11.48 17.29 11.90
C PHE A 239 12.77 16.69 11.32
N ILE A 240 12.70 16.00 10.19
CA ILE A 240 13.89 15.32 9.57
C ILE A 240 14.89 16.37 9.03
N ASN A 241 14.48 17.63 8.81
CA ASN A 241 15.39 18.76 8.47
C ASN A 241 14.73 20.10 8.82
N THR A 242 14.90 20.58 10.06
CA THR A 242 14.26 21.81 10.63
C THR A 242 14.83 23.08 9.97
N THR A 243 16.02 23.00 9.37
CA THR A 243 16.58 24.07 8.51
C THR A 243 15.62 24.29 7.34
N ALA A 244 15.46 23.27 6.51
CA ALA A 244 14.54 23.26 5.35
C ALA A 244 13.11 23.62 5.81
N ARG A 245 12.59 22.96 6.86
CA ARG A 245 11.22 23.14 7.44
C ARG A 245 10.17 23.06 6.30
N VAL A 246 10.13 21.92 5.59
CA VAL A 246 9.12 21.59 4.55
C VAL A 246 8.20 20.50 5.08
N PRO A 247 6.90 20.80 5.28
CA PRO A 247 5.97 19.84 5.84
C PRO A 247 5.68 18.70 4.86
N CYS A 248 4.91 17.70 5.33
CA CYS A 248 4.34 16.60 4.53
C CYS A 248 3.22 17.14 3.65
N PHE A 249 3.02 16.46 2.54
CA PHE A 249 1.92 16.75 1.58
C PHE A 249 0.61 16.28 2.21
N LEU A 250 -0.50 16.88 1.76
CA LEU A 250 -1.89 16.47 2.10
C LEU A 250 -2.42 15.70 0.90
N ALA A 251 -2.82 14.44 1.10
CA ALA A 251 -3.31 13.56 0.02
C ALA A 251 -4.64 12.92 0.43
N GLY A 252 -5.30 12.24 -0.51
CA GLY A 252 -6.48 11.40 -0.23
C GLY A 252 -6.14 10.37 0.82
N ASP A 253 -4.85 10.02 0.96
CA ASP A 253 -4.31 9.03 1.92
C ASP A 253 -3.34 9.69 2.90
N PHE A 254 -3.53 9.42 4.20
CA PHE A 254 -2.68 9.86 5.35
C PHE A 254 -1.18 9.68 5.06
N ARG A 255 -0.83 8.60 4.36
CA ARG A 255 0.53 8.00 4.38
C ARG A 255 1.36 8.49 3.20
N ALA A 256 0.92 9.54 2.49
CA ALA A 256 1.44 9.93 1.16
C ALA A 256 2.93 10.36 1.22
N SER A 257 3.41 10.81 2.37
CA SER A 257 4.80 11.34 2.50
C SER A 257 5.71 10.36 3.27
N GLU A 258 5.27 9.13 3.55
CA GLU A 258 6.08 8.10 4.29
C GLU A 258 7.47 7.95 3.62
N GLN A 259 7.55 8.09 2.30
CA GLN A 259 8.83 8.10 1.56
C GLN A 259 8.66 8.88 0.25
N ILE A 260 9.76 9.35 -0.32
CA ILE A 260 9.83 10.40 -1.37
C ILE A 260 9.32 9.80 -2.69
N LEU A 261 9.55 8.51 -2.95
CA LEU A 261 9.07 7.85 -4.20
C LEU A 261 7.54 7.64 -4.13
N LEU A 262 6.97 7.51 -2.94
CA LEU A 262 5.49 7.45 -2.73
C LEU A 262 4.91 8.85 -2.93
N ALA A 263 5.53 9.89 -2.38
CA ALA A 263 5.09 11.29 -2.50
C ALA A 263 5.06 11.72 -4.00
N THR A 264 6.04 11.24 -4.78
CA THR A 264 6.24 11.48 -6.24
C THR A 264 5.04 10.96 -7.05
N ALA A 265 4.75 9.67 -6.88
CA ALA A 265 3.57 8.96 -7.44
C ALA A 265 2.28 9.72 -7.15
N HIS A 266 2.09 10.17 -5.90
CA HIS A 266 0.90 10.96 -5.46
C HIS A 266 0.88 12.29 -6.21
N THR A 267 2.06 12.86 -6.49
CA THR A 267 2.23 14.10 -7.29
C THR A 267 1.78 13.81 -8.74
N LEU A 268 2.36 12.79 -9.40
CA LEU A 268 1.94 12.30 -10.74
C LEU A 268 0.40 12.18 -10.83
N LEU A 269 -0.23 11.50 -9.88
CA LEU A 269 -1.68 11.22 -9.94
C LEU A 269 -2.43 12.55 -9.89
N LEU A 270 -2.30 13.32 -8.81
CA LEU A 270 -3.00 14.63 -8.72
C LEU A 270 -2.83 15.45 -10.00
N ARG A 271 -1.69 15.37 -10.70
CA ARG A 271 -1.41 16.20 -11.92
C ARG A 271 -2.32 15.76 -13.06
N GLU A 272 -2.39 14.44 -13.27
CA GLU A 272 -3.22 13.78 -14.30
C GLU A 272 -4.70 14.17 -14.12
N HIS A 273 -5.14 14.38 -12.89
CA HIS A 273 -6.55 14.73 -12.59
C HIS A 273 -6.84 16.17 -13.02
N ASN A 274 -6.00 17.09 -12.58
CA ASN A 274 -6.08 18.51 -13.02
C ASN A 274 -6.02 18.54 -14.55
N ARG A 275 -5.14 17.73 -15.16
CA ARG A 275 -4.96 17.66 -16.63
C ARG A 275 -6.26 17.13 -17.25
N LEU A 276 -6.82 16.05 -16.68
CA LEU A 276 -8.05 15.36 -17.16
C LEU A 276 -9.19 16.36 -17.10
N ALA A 277 -9.36 17.01 -15.94
CA ALA A 277 -10.37 18.05 -15.65
C ALA A 277 -10.26 19.17 -16.70
N ARG A 278 -9.03 19.60 -17.04
CA ARG A 278 -8.78 20.76 -17.94
C ARG A 278 -9.19 20.39 -19.37
N GLU A 279 -8.76 19.22 -19.85
CA GLU A 279 -9.10 18.71 -21.21
C GLU A 279 -10.62 18.53 -21.34
N LEU A 280 -11.28 18.05 -20.27
CA LEU A 280 -12.76 17.86 -20.21
C LEU A 280 -13.49 19.21 -20.26
N LYS A 281 -12.89 20.29 -19.75
CA LYS A 281 -13.48 21.65 -19.80
C LYS A 281 -13.49 22.14 -21.25
N LYS A 282 -12.39 21.95 -21.99
CA LYS A 282 -12.32 22.33 -23.44
C LYS A 282 -13.50 21.64 -24.16
N LEU A 283 -13.52 20.32 -24.15
CA LEU A 283 -14.50 19.48 -24.90
C LEU A 283 -15.95 19.86 -24.54
N ASN A 284 -16.21 20.14 -23.25
CA ASN A 284 -17.57 20.36 -22.66
C ASN A 284 -17.57 21.60 -21.76
N PRO A 285 -17.46 22.83 -22.32
CA PRO A 285 -17.35 24.04 -21.49
C PRO A 285 -18.61 24.38 -20.67
N HIS A 286 -19.69 23.65 -20.91
CA HIS A 286 -20.99 23.77 -20.22
C HIS A 286 -21.05 22.88 -18.97
N TRP A 287 -20.14 21.91 -18.85
CA TRP A 287 -20.06 21.06 -17.63
C TRP A 287 -19.67 21.90 -16.40
N ASN A 288 -20.40 21.73 -15.29
CA ASN A 288 -20.14 22.39 -13.98
C ASN A 288 -18.85 21.83 -13.34
N GLY A 289 -18.45 22.35 -12.18
CA GLY A 289 -17.28 21.86 -11.42
C GLY A 289 -17.47 20.44 -10.93
N GLU A 290 -18.66 20.10 -10.47
CA GLU A 290 -18.93 18.76 -9.91
C GLU A 290 -18.73 17.73 -11.04
N LYS A 291 -19.45 17.91 -12.15
CA LYS A 291 -19.39 16.98 -13.30
C LYS A 291 -17.92 16.75 -13.67
N LEU A 292 -17.17 17.85 -13.76
CA LEU A 292 -15.74 17.88 -14.13
C LEU A 292 -14.97 17.01 -13.12
N TYR A 293 -15.14 17.28 -11.84
CA TYR A 293 -14.42 16.56 -10.75
C TYR A 293 -14.70 15.06 -10.88
N GLN A 294 -15.97 14.68 -10.88
CA GLN A 294 -16.46 13.27 -10.87
C GLN A 294 -16.01 12.55 -12.15
N GLU A 295 -16.12 13.19 -13.31
CA GLU A 295 -15.82 12.55 -14.64
C GLU A 295 -14.32 12.25 -14.78
N ALA A 296 -13.45 13.11 -14.23
CA ALA A 296 -11.99 12.90 -14.21
C ALA A 296 -11.69 11.83 -13.16
N ARG A 297 -12.25 12.01 -11.96
CA ARG A 297 -12.07 11.07 -10.83
C ARG A 297 -12.43 9.66 -11.31
N LYS A 298 -13.49 9.56 -12.14
CA LYS A 298 -14.01 8.32 -12.78
C LYS A 298 -12.98 7.73 -13.77
N ILE A 299 -12.33 8.58 -14.55
CA ILE A 299 -11.25 8.14 -15.48
C ILE A 299 -10.03 7.75 -14.64
N LEU A 300 -9.56 8.64 -13.79
CA LEU A 300 -8.34 8.38 -12.98
C LEU A 300 -8.53 7.02 -12.30
N GLY A 301 -9.76 6.69 -11.87
CA GLY A 301 -10.10 5.41 -11.24
C GLY A 301 -9.81 4.23 -12.16
N ALA A 302 -10.30 4.31 -13.40
CA ALA A 302 -10.18 3.22 -14.42
C ALA A 302 -8.70 3.08 -14.77
N PHE A 303 -8.01 4.20 -14.81
CA PHE A 303 -6.57 4.23 -15.14
C PHE A 303 -5.85 3.29 -14.18
N ILE A 304 -6.05 3.46 -12.86
CA ILE A 304 -5.38 2.66 -11.79
C ILE A 304 -5.77 1.20 -12.01
N GLN A 305 -7.07 0.97 -12.21
CA GLN A 305 -7.67 -0.38 -12.43
C GLN A 305 -6.95 -1.03 -13.62
N ILE A 306 -6.85 -0.32 -14.75
CA ILE A 306 -6.30 -0.89 -16.02
C ILE A 306 -4.85 -1.33 -15.76
N ILE A 307 -4.05 -0.40 -15.24
CA ILE A 307 -2.59 -0.58 -15.03
C ILE A 307 -2.40 -1.74 -14.05
N THR A 308 -3.14 -1.78 -12.94
CA THR A 308 -3.02 -2.86 -11.92
C THR A 308 -3.22 -4.26 -12.54
N PHE A 309 -4.33 -4.45 -13.26
CA PHE A 309 -4.77 -5.78 -13.78
C PHE A 309 -4.05 -6.13 -15.08
N ARG A 310 -3.71 -5.15 -15.96
CA ARG A 310 -3.11 -5.45 -17.29
C ARG A 310 -1.58 -5.56 -17.20
N ASP A 311 -0.90 -4.75 -16.38
CA ASP A 311 0.59 -4.60 -16.42
C ASP A 311 1.27 -5.15 -15.15
N TYR A 312 0.72 -4.86 -13.96
CA TYR A 312 1.30 -5.19 -12.63
C TYR A 312 1.00 -6.67 -12.24
N LEU A 313 -0.27 -7.08 -12.17
CA LEU A 313 -0.64 -8.38 -11.53
C LEU A 313 0.00 -9.53 -12.30
N PRO A 314 -0.11 -9.59 -13.64
CA PRO A 314 0.51 -10.72 -14.36
C PRO A 314 2.00 -10.95 -14.04
N ILE A 315 2.70 -9.95 -13.50
CA ILE A 315 4.17 -10.02 -13.29
C ILE A 315 4.50 -10.19 -11.79
N VAL A 316 3.49 -10.07 -10.93
CA VAL A 316 3.46 -10.53 -9.53
C VAL A 316 2.99 -12.01 -9.53
N LEU A 317 1.87 -12.30 -10.20
CA LEU A 317 1.21 -13.64 -10.13
C LEU A 317 1.88 -14.63 -11.08
N GLY A 318 2.50 -14.15 -12.15
CA GLY A 318 3.17 -15.02 -13.12
C GLY A 318 2.25 -16.12 -13.61
N SER A 319 2.68 -17.37 -13.50
CA SER A 319 1.92 -18.55 -13.96
C SER A 319 0.56 -18.69 -13.27
N GLU A 320 0.32 -18.03 -12.12
CA GLU A 320 -0.92 -18.20 -11.31
C GLU A 320 -2.02 -17.18 -11.69
N MET A 321 -1.70 -16.16 -12.48
CA MET A 321 -2.64 -15.07 -12.89
C MET A 321 -3.97 -15.69 -13.36
N GLN A 322 -3.92 -16.51 -14.43
CA GLN A 322 -5.13 -17.07 -15.09
C GLN A 322 -5.89 -17.96 -14.11
N LYS A 323 -5.17 -18.74 -13.31
CA LYS A 323 -5.76 -19.66 -12.31
C LYS A 323 -6.66 -18.88 -11.33
N TRP A 324 -6.33 -17.63 -10.99
CA TRP A 324 -7.03 -16.84 -9.92
C TRP A 324 -7.85 -15.69 -10.49
N ILE A 325 -7.39 -15.08 -11.58
CA ILE A 325 -8.09 -13.94 -12.23
C ILE A 325 -8.31 -14.24 -13.70
N PRO A 326 -9.30 -15.10 -14.05
CA PRO A 326 -9.62 -15.39 -15.45
C PRO A 326 -10.19 -14.16 -16.13
N PRO A 327 -10.46 -14.19 -17.47
CA PRO A 327 -11.20 -13.13 -18.17
C PRO A 327 -12.54 -12.70 -17.52
N TYR A 328 -12.72 -11.42 -17.26
CA TYR A 328 -13.89 -10.84 -16.51
C TYR A 328 -15.18 -11.31 -17.16
N GLN A 329 -16.21 -11.52 -16.34
CA GLN A 329 -17.51 -12.04 -16.78
C GLN A 329 -18.65 -11.19 -16.25
N GLY A 330 -18.35 -9.97 -15.79
CA GLY A 330 -19.37 -8.96 -15.47
C GLY A 330 -19.58 -8.88 -13.98
N TYR A 331 -20.10 -7.75 -13.51
CA TYR A 331 -20.33 -7.43 -12.07
C TYR A 331 -21.13 -8.55 -11.41
N ASN A 332 -20.60 -9.24 -10.39
CA ASN A 332 -21.30 -10.28 -9.59
C ASN A 332 -21.55 -9.75 -8.17
N ASN A 333 -22.77 -9.29 -7.88
CA ASN A 333 -23.09 -8.57 -6.59
C ASN A 333 -23.14 -9.56 -5.43
N SER A 334 -22.99 -10.85 -5.70
CA SER A 334 -22.88 -11.92 -4.69
C SER A 334 -21.44 -12.00 -4.17
N VAL A 335 -20.49 -11.33 -4.81
CA VAL A 335 -19.03 -11.37 -4.45
C VAL A 335 -18.75 -10.32 -3.37
N ASP A 336 -18.07 -10.72 -2.30
CA ASP A 336 -17.63 -9.83 -1.22
C ASP A 336 -16.54 -8.92 -1.81
N PRO A 337 -16.78 -7.60 -1.84
CA PRO A 337 -15.80 -6.65 -2.35
C PRO A 337 -14.79 -6.23 -1.28
N ARG A 338 -14.97 -6.68 -0.03
CA ARG A 338 -14.17 -6.23 1.14
C ARG A 338 -12.76 -6.82 1.10
N ILE A 339 -11.78 -6.03 1.51
CA ILE A 339 -10.37 -6.48 1.68
C ILE A 339 -10.31 -7.28 2.98
N SER A 340 -9.70 -8.45 2.88
CA SER A 340 -9.51 -9.41 4.00
C SER A 340 -8.38 -8.89 4.90
N ASN A 341 -8.47 -9.18 6.20
CA ASN A 341 -7.40 -8.91 7.19
C ASN A 341 -6.06 -9.52 6.73
N VAL A 342 -6.04 -10.80 6.31
CA VAL A 342 -4.85 -11.56 5.82
C VAL A 342 -4.26 -10.83 4.59
N PHE A 343 -5.07 -10.30 3.69
CA PHE A 343 -4.56 -9.63 2.48
C PHE A 343 -3.60 -8.50 2.89
N THR A 344 -4.03 -7.66 3.83
CA THR A 344 -3.25 -6.49 4.27
C THR A 344 -1.85 -6.95 4.72
N PHE A 345 -1.64 -8.24 4.91
CA PHE A 345 -0.33 -8.83 5.26
C PHE A 345 0.27 -9.44 3.99
N ALA A 346 -0.55 -10.05 3.14
CA ALA A 346 -0.12 -10.78 1.94
C ALA A 346 0.62 -9.82 1.00
N PHE A 347 0.20 -8.54 0.94
CA PHE A 347 0.64 -7.51 -0.04
C PHE A 347 1.94 -6.85 0.44
N ARG A 348 2.21 -6.95 1.74
CA ARG A 348 3.45 -6.43 2.36
C ARG A 348 4.66 -7.17 1.79
N PHE A 349 4.48 -8.05 0.80
CA PHE A 349 5.60 -8.71 0.08
C PHE A 349 6.43 -7.59 -0.57
N GLY A 350 5.78 -6.46 -0.88
CA GLY A 350 6.43 -5.26 -1.43
C GLY A 350 7.64 -4.82 -0.60
N HIS A 351 7.63 -5.06 0.70
CA HIS A 351 8.75 -4.69 1.61
C HIS A 351 10.01 -5.45 1.23
N MET A 352 9.95 -6.64 0.64
CA MET A 352 11.17 -7.38 0.22
C MET A 352 11.63 -6.90 -1.15
N GLU A 353 10.98 -5.89 -1.72
CA GLU A 353 11.29 -5.36 -3.09
C GLU A 353 11.88 -3.94 -3.00
N VAL A 354 11.86 -3.29 -1.85
CA VAL A 354 12.44 -1.94 -1.67
C VAL A 354 13.95 -2.10 -1.51
N PRO A 355 14.77 -1.45 -2.36
CA PRO A 355 16.22 -1.35 -2.15
C PRO A 355 16.71 -0.23 -1.21
N SER A 356 18.03 -0.18 -1.04
CA SER A 356 18.77 0.54 0.04
C SER A 356 18.97 2.00 -0.30
N THR A 357 18.95 2.33 -1.58
CA THR A 357 19.27 3.68 -2.12
C THR A 357 18.19 4.13 -3.12
N VAL A 358 17.97 5.44 -3.22
CA VAL A 358 17.18 6.11 -4.29
C VAL A 358 18.11 7.06 -5.06
N SER A 359 17.90 7.18 -6.38
CA SER A 359 18.75 7.99 -7.31
C SER A 359 17.90 9.06 -7.97
N ARG A 360 18.46 10.26 -8.13
CA ARG A 360 17.94 11.36 -8.99
C ARG A 360 18.78 11.31 -10.26
N LEU A 361 18.15 11.33 -11.43
CA LEU A 361 18.89 11.30 -12.73
C LEU A 361 18.57 12.57 -13.52
N ASP A 362 19.58 13.07 -14.22
CA ASP A 362 19.46 14.26 -15.11
C ASP A 362 18.72 13.83 -16.37
N GLU A 363 18.62 14.72 -17.35
CA GLU A 363 17.81 14.52 -18.56
C GLU A 363 18.45 13.42 -19.42
N ASN A 364 19.75 13.12 -19.26
CA ASN A 364 20.49 12.03 -19.98
C ASN A 364 20.41 10.71 -19.21
N TYR A 365 19.73 10.69 -18.06
CA TYR A 365 19.56 9.51 -17.15
C TYR A 365 20.90 9.17 -16.50
N GLN A 366 21.74 10.19 -16.27
CA GLN A 366 23.06 10.11 -15.58
C GLN A 366 22.88 10.72 -14.19
N PRO A 367 23.81 10.46 -13.24
CA PRO A 367 23.64 10.94 -11.86
C PRO A 367 23.53 12.47 -11.76
N TRP A 368 22.33 12.93 -11.44
CA TRP A 368 21.93 14.36 -11.29
C TRP A 368 22.65 14.96 -10.09
N GLY A 369 23.79 15.62 -10.34
CA GLY A 369 24.54 16.40 -9.33
C GLY A 369 25.37 15.51 -8.41
N PRO A 370 25.83 16.04 -7.25
CA PRO A 370 26.81 15.33 -6.41
C PRO A 370 26.21 14.25 -5.50
N GLU A 371 25.09 14.58 -4.84
CA GLU A 371 24.39 13.67 -3.90
C GLU A 371 23.26 12.94 -4.64
N ALA A 372 23.57 12.27 -5.76
CA ALA A 372 22.59 11.73 -6.74
C ALA A 372 21.91 10.49 -6.18
N GLU A 373 22.69 9.63 -5.53
CA GLU A 373 22.26 8.36 -4.87
C GLU A 373 22.20 8.60 -3.37
N LEU A 374 21.05 8.38 -2.74
CA LEU A 374 20.88 8.58 -1.27
C LEU A 374 20.39 7.30 -0.58
N PRO A 375 20.85 6.96 0.65
CA PRO A 375 20.29 5.85 1.40
C PRO A 375 18.79 6.08 1.63
N LEU A 376 18.03 4.99 1.50
CA LEU A 376 16.55 5.06 1.53
C LEU A 376 16.15 5.81 2.81
N HIS A 377 16.87 5.58 3.91
CA HIS A 377 16.39 5.94 5.28
C HIS A 377 16.39 7.46 5.39
N THR A 378 17.17 8.14 4.57
CA THR A 378 17.26 9.62 4.62
C THR A 378 15.97 10.19 4.03
N LEU A 379 15.16 9.34 3.39
CA LEU A 379 14.06 9.79 2.48
C LEU A 379 12.68 9.49 3.07
N PHE A 380 12.56 8.82 4.23
CA PHE A 380 11.27 8.73 4.96
C PHE A 380 10.89 10.13 5.46
N PHE A 381 9.68 10.55 5.13
CA PHE A 381 9.09 11.83 5.61
C PHE A 381 9.90 12.99 5.04
N ASN A 382 10.53 12.73 3.90
CA ASN A 382 11.35 13.71 3.15
C ASN A 382 10.53 14.31 2.00
N THR A 383 9.95 15.48 2.27
CA THR A 383 9.38 16.38 1.25
C THR A 383 10.39 17.45 0.79
N TRP A 384 11.39 17.80 1.61
CA TRP A 384 12.32 18.93 1.30
C TRP A 384 13.15 18.61 0.05
N ARG A 385 13.58 17.36 -0.13
CA ARG A 385 14.38 16.92 -1.30
C ARG A 385 13.62 17.13 -2.62
N ILE A 386 12.29 17.05 -2.63
CA ILE A 386 11.51 17.40 -3.86
C ILE A 386 11.53 18.93 -3.98
N ILE A 387 11.07 19.60 -2.93
CA ILE A 387 10.66 21.05 -2.94
C ILE A 387 11.90 21.93 -3.11
N LYS A 388 13.04 21.51 -2.58
CA LYS A 388 14.24 22.36 -2.48
C LYS A 388 15.43 21.73 -3.22
N ASP A 389 15.23 20.66 -4.03
CA ASP A 389 16.36 19.92 -4.65
C ASP A 389 15.90 19.07 -5.84
N GLY A 390 15.20 19.69 -6.81
CA GLY A 390 15.14 19.25 -8.22
C GLY A 390 13.76 18.92 -8.75
N GLY A 391 12.72 18.98 -7.92
CA GLY A 391 11.36 18.56 -8.32
C GLY A 391 11.23 17.05 -8.32
N ILE A 392 10.26 16.51 -9.06
CA ILE A 392 9.98 15.05 -9.07
C ILE A 392 10.60 14.35 -10.30
N ASP A 393 11.03 15.11 -11.32
CA ASP A 393 11.52 14.53 -12.60
C ASP A 393 12.76 13.67 -12.34
N PRO A 394 13.77 14.16 -11.58
CA PRO A 394 14.98 13.37 -11.30
C PRO A 394 14.69 12.07 -10.55
N LEU A 395 13.66 12.05 -9.69
CA LEU A 395 13.22 10.82 -8.94
C LEU A 395 12.47 9.89 -9.89
N VAL A 396 11.68 10.45 -10.82
CA VAL A 396 10.85 9.71 -11.82
C VAL A 396 11.77 8.95 -12.79
N ARG A 397 12.89 9.55 -13.16
CA ARG A 397 13.87 8.94 -14.08
C ARG A 397 14.52 7.75 -13.34
N GLY A 398 14.76 7.94 -12.03
CA GLY A 398 15.21 6.87 -11.12
C GLY A 398 14.23 5.72 -11.06
N LEU A 399 12.93 6.01 -11.04
CA LEU A 399 11.80 5.03 -11.10
C LEU A 399 11.86 4.18 -12.39
N LEU A 400 12.23 4.78 -13.53
CA LEU A 400 12.28 4.11 -14.85
C LEU A 400 13.59 3.33 -14.99
N ALA A 401 14.73 4.00 -14.77
CA ALA A 401 16.09 3.50 -15.10
C ALA A 401 16.68 2.65 -13.97
N LYS A 402 16.23 2.79 -12.72
CA LYS A 402 16.74 1.95 -11.59
C LYS A 402 15.87 0.71 -11.41
N LYS A 403 16.33 -0.28 -10.64
CA LYS A 403 15.61 -1.56 -10.41
C LYS A 403 15.03 -1.65 -9.00
N SER A 404 13.97 -2.44 -8.82
CA SER A 404 13.50 -2.99 -7.52
C SER A 404 14.56 -3.98 -7.03
N LYS A 405 14.69 -4.12 -5.71
CA LYS A 405 15.33 -5.26 -5.01
C LYS A 405 14.50 -6.53 -5.20
N LEU A 406 15.10 -7.61 -5.70
CA LEU A 406 14.52 -8.99 -5.78
C LEU A 406 14.39 -9.52 -4.36
N MET A 407 13.30 -10.21 -4.04
CA MET A 407 13.19 -11.01 -2.79
C MET A 407 14.18 -12.16 -2.88
N ASN A 408 15.02 -12.31 -1.85
CA ASN A 408 16.08 -13.34 -1.71
C ASN A 408 15.86 -13.99 -0.36
N GLN A 409 15.88 -15.33 -0.30
CA GLN A 409 15.65 -16.13 0.93
C GLN A 409 16.75 -15.81 1.95
N ASP A 410 17.97 -15.48 1.50
CA ASP A 410 19.11 -15.09 2.38
C ASP A 410 19.12 -13.58 2.62
N LYS A 411 18.57 -12.79 1.67
CA LYS A 411 18.51 -11.29 1.70
C LYS A 411 17.07 -10.77 1.53
N MET A 412 16.32 -10.63 2.61
CA MET A 412 14.84 -10.49 2.55
C MET A 412 14.45 -9.02 2.58
N VAL A 413 14.82 -8.27 3.62
CA VAL A 413 14.42 -6.85 3.81
C VAL A 413 15.67 -6.05 4.19
N THR A 414 16.03 -5.08 3.36
CA THR A 414 17.25 -4.23 3.52
C THR A 414 17.22 -3.52 4.87
N SER A 415 18.41 -3.29 5.42
CA SER A 415 18.66 -2.62 6.72
C SER A 415 18.07 -1.22 6.75
N GLU A 416 17.82 -0.62 5.59
CA GLU A 416 17.25 0.76 5.54
C GLU A 416 15.84 0.73 6.17
N LEU A 417 15.10 -0.37 5.95
CA LEU A 417 13.76 -0.65 6.52
C LEU A 417 13.87 -1.45 7.83
N ARG A 418 14.77 -2.43 7.92
CA ARG A 418 14.88 -3.34 9.10
C ARG A 418 15.50 -2.64 10.31
N ASN A 419 16.42 -1.68 10.14
CA ASN A 419 17.13 -1.03 11.27
C ASN A 419 16.87 0.48 11.38
N LYS A 420 16.41 1.18 10.34
CA LYS A 420 16.42 2.66 10.33
C LYS A 420 15.11 3.27 9.83
N LEU A 421 13.99 2.55 9.86
CA LEU A 421 12.67 3.13 9.52
C LEU A 421 12.39 4.29 10.50
N PHE A 422 11.78 5.36 10.00
CA PHE A 422 11.29 6.50 10.83
C PHE A 422 9.77 6.31 10.99
N GLN A 423 9.21 6.66 12.14
CA GLN A 423 7.74 6.64 12.34
C GLN A 423 7.30 8.07 12.71
N PRO A 424 6.15 8.53 12.17
CA PRO A 424 5.74 9.94 12.27
C PRO A 424 5.66 10.53 13.70
N THR A 425 5.50 9.69 14.71
CA THR A 425 5.35 10.07 16.15
C THR A 425 6.73 10.21 16.81
N HIS A 426 7.68 9.35 16.41
CA HIS A 426 8.98 9.14 17.10
C HIS A 426 10.06 9.90 16.36
N LYS A 427 11.25 9.95 16.95
CA LYS A 427 12.26 10.97 16.63
C LYS A 427 13.51 10.28 16.07
N ILE A 428 13.45 9.00 15.70
CA ILE A 428 14.69 8.20 15.46
C ILE A 428 14.53 7.39 14.19
N HIS A 429 15.50 7.49 13.29
CA HIS A 429 15.65 6.56 12.13
C HIS A 429 16.17 5.24 12.69
N GLY A 430 15.29 4.50 13.38
CA GLY A 430 15.73 3.45 14.33
C GLY A 430 14.77 2.28 14.46
N PHE A 431 13.74 2.17 13.63
CA PHE A 431 12.68 1.12 13.74
C PHE A 431 12.90 -0.03 12.72
N ASP A 432 12.10 -1.11 12.87
CA ASP A 432 12.22 -2.37 12.10
C ASP A 432 10.87 -2.75 11.48
N LEU A 433 10.70 -2.49 10.18
CA LEU A 433 9.47 -2.81 9.42
C LEU A 433 9.17 -4.31 9.55
N ALA A 434 10.19 -5.16 9.39
CA ALA A 434 10.01 -6.63 9.40
C ALA A 434 9.44 -7.01 10.77
N ALA A 435 10.10 -6.57 11.85
CA ALA A 435 9.67 -6.79 13.27
C ALA A 435 8.25 -6.22 13.48
N ILE A 436 7.95 -5.01 12.96
CA ILE A 436 6.59 -4.40 13.06
C ILE A 436 5.58 -5.33 12.37
N ASN A 437 5.82 -5.67 11.08
CA ASN A 437 4.96 -6.54 10.22
C ASN A 437 4.57 -7.81 10.98
N LEU A 438 5.50 -8.35 11.79
CA LEU A 438 5.30 -9.59 12.56
C LEU A 438 4.54 -9.27 13.83
N GLN A 439 4.87 -8.17 14.51
CA GLN A 439 4.10 -7.72 15.70
C GLN A 439 2.64 -7.51 15.28
N ARG A 440 2.45 -7.00 14.05
CA ARG A 440 1.12 -6.63 13.49
C ARG A 440 0.28 -7.89 13.23
N CYS A 441 0.83 -8.90 12.57
CA CYS A 441 0.23 -10.25 12.38
C CYS A 441 -0.40 -10.77 13.69
N ARG A 442 0.31 -10.65 14.80
CA ARG A 442 -0.18 -11.15 16.10
C ARG A 442 -1.25 -10.18 16.64
N ASP A 443 -1.02 -8.87 16.54
CA ASP A 443 -1.98 -7.80 16.90
C ASP A 443 -3.36 -8.16 16.33
N HIS A 444 -3.41 -8.63 15.07
CA HIS A 444 -4.62 -8.72 14.19
C HIS A 444 -5.24 -10.13 14.19
N GLY A 445 -4.93 -10.97 15.18
CA GLY A 445 -5.46 -12.33 15.31
C GLY A 445 -5.19 -13.24 14.11
N MET A 446 -4.07 -13.08 13.40
CA MET A 446 -3.79 -13.90 12.18
C MET A 446 -3.63 -15.36 12.55
N PRO A 447 -4.35 -16.31 11.93
CA PRO A 447 -3.94 -17.70 11.96
C PRO A 447 -2.59 -17.85 11.29
N GLY A 448 -2.08 -19.06 11.42
CA GLY A 448 -0.70 -19.40 11.10
C GLY A 448 -0.57 -19.87 9.69
N TYR A 449 0.68 -20.05 9.30
CA TYR A 449 1.12 -20.44 7.94
C TYR A 449 0.25 -21.63 7.51
N ASN A 450 0.28 -22.74 8.27
CA ASN A 450 -0.37 -24.01 7.84
C ASN A 450 -1.89 -23.81 7.71
N SER A 451 -2.51 -22.95 8.52
CA SER A 451 -3.93 -22.51 8.39
C SER A 451 -4.18 -22.00 6.99
N TRP A 452 -3.29 -21.15 6.50
CA TRP A 452 -3.42 -20.39 5.23
C TRP A 452 -3.01 -21.25 4.03
N ARG A 453 -1.90 -21.98 4.16
CA ARG A 453 -1.54 -23.11 3.27
C ARG A 453 -2.76 -23.98 3.01
N GLY A 454 -3.44 -24.44 4.08
CA GLY A 454 -4.67 -25.27 4.05
C GLY A 454 -5.83 -24.55 3.39
N PHE A 455 -6.06 -23.27 3.74
CA PHE A 455 -7.09 -22.37 3.14
C PHE A 455 -6.92 -22.29 1.63
N CYS A 456 -5.68 -22.31 1.14
CA CYS A 456 -5.30 -22.25 -0.29
C CYS A 456 -5.19 -23.66 -0.94
N GLY A 457 -5.61 -24.72 -0.25
CA GLY A 457 -5.53 -26.10 -0.77
C GLY A 457 -4.10 -26.53 -1.09
N LEU A 458 -3.14 -26.12 -0.25
CA LEU A 458 -1.68 -26.45 -0.31
C LEU A 458 -1.31 -27.35 0.88
N SER A 459 -0.30 -28.23 0.68
CA SER A 459 0.26 -29.14 1.71
C SER A 459 0.74 -28.30 2.89
N GLN A 460 0.54 -28.80 4.11
CA GLN A 460 0.90 -28.10 5.37
C GLN A 460 2.06 -28.84 6.02
N PRO A 461 3.31 -28.37 5.87
CA PRO A 461 4.45 -29.04 6.48
C PRO A 461 4.38 -29.03 8.02
N LYS A 462 4.79 -30.15 8.66
CA LYS A 462 4.73 -30.33 10.13
C LYS A 462 6.13 -30.64 10.70
N THR A 463 7.06 -31.11 9.87
CA THR A 463 8.43 -31.52 10.26
C THR A 463 9.49 -30.62 9.58
N LEU A 464 10.74 -30.70 10.06
CA LEU A 464 11.93 -30.09 9.40
C LEU A 464 11.88 -30.43 7.91
N LYS A 465 11.84 -31.72 7.56
CA LYS A 465 12.04 -32.17 6.16
C LYS A 465 10.89 -31.60 5.30
N GLY A 466 9.66 -31.73 5.79
CA GLY A 466 8.48 -31.13 5.14
C GLY A 466 8.74 -29.69 4.73
N LEU A 467 9.08 -28.83 5.70
CA LEU A 467 9.30 -27.37 5.48
C LEU A 467 10.46 -27.19 4.52
N GLN A 468 11.52 -27.98 4.65
CA GLN A 468 12.66 -27.97 3.70
C GLN A 468 12.17 -28.20 2.28
N THR A 469 11.19 -29.09 2.09
CA THR A 469 10.66 -29.46 0.74
C THR A 469 9.82 -28.32 0.15
N VAL A 470 9.14 -27.53 1.00
CA VAL A 470 8.21 -26.43 0.59
C VAL A 470 9.02 -25.18 0.18
N LEU A 471 10.03 -24.85 0.95
CA LEU A 471 10.84 -23.62 0.73
C LEU A 471 11.99 -23.88 -0.26
N LYS A 472 12.21 -25.15 -0.62
CA LYS A 472 13.47 -25.69 -1.20
C LYS A 472 14.66 -24.96 -0.59
N ASN A 473 14.87 -25.06 0.73
CA ASN A 473 15.97 -24.34 1.44
C ASN A 473 16.22 -24.98 2.82
N LYS A 474 17.21 -25.86 2.91
CA LYS A 474 17.51 -26.65 4.13
C LYS A 474 17.76 -25.69 5.29
N ILE A 475 18.69 -24.74 5.11
CA ILE A 475 19.09 -23.77 6.17
C ILE A 475 17.86 -22.94 6.60
N LEU A 476 17.15 -22.31 5.66
CA LEU A 476 16.06 -21.36 5.99
C LEU A 476 14.98 -22.08 6.80
N ALA A 477 14.61 -23.31 6.41
CA ALA A 477 13.63 -24.16 7.13
C ALA A 477 14.16 -24.43 8.55
N LYS A 478 15.45 -24.70 8.69
CA LYS A 478 16.12 -25.00 9.98
C LYS A 478 15.97 -23.80 10.94
N LYS A 479 16.32 -22.60 10.48
CA LYS A 479 16.29 -21.38 11.31
C LYS A 479 14.84 -21.15 11.78
N LEU A 480 13.88 -21.45 10.91
CA LEU A 480 12.42 -21.32 11.19
C LEU A 480 12.04 -22.31 12.29
N MET A 481 12.40 -23.59 12.11
CA MET A 481 12.01 -24.67 13.05
C MET A 481 12.58 -24.33 14.42
N ASP A 482 13.80 -23.81 14.46
CA ASP A 482 14.49 -23.46 15.72
C ASP A 482 13.78 -22.27 16.39
N LEU A 483 13.18 -21.38 15.61
CA LEU A 483 12.50 -20.18 16.18
C LEU A 483 11.07 -20.50 16.57
N TYR A 484 10.37 -21.29 15.76
CA TYR A 484 8.89 -21.45 15.86
C TYR A 484 8.52 -22.85 16.38
N LYS A 485 9.44 -23.82 16.26
CA LYS A 485 9.28 -25.23 16.72
C LYS A 485 8.31 -26.02 15.81
N THR A 486 7.27 -25.37 15.26
CA THR A 486 6.26 -25.99 14.36
C THR A 486 5.84 -25.02 13.26
N PRO A 487 5.87 -25.46 11.98
CA PRO A 487 5.43 -24.59 10.90
C PRO A 487 4.06 -23.97 11.22
N ASP A 488 3.17 -24.70 11.88
CA ASP A 488 1.86 -24.23 12.42
C ASP A 488 1.96 -22.80 12.98
N ASN A 489 3.05 -22.47 13.68
CA ASN A 489 3.18 -21.22 14.47
C ASN A 489 3.81 -20.11 13.64
N ILE A 490 4.43 -20.41 12.49
CA ILE A 490 5.14 -19.41 11.63
C ILE A 490 4.15 -18.30 11.29
N ASP A 491 4.40 -17.08 11.78
CA ASP A 491 3.56 -15.88 11.46
C ASP A 491 3.44 -15.75 9.93
N ILE A 492 2.28 -15.32 9.42
CA ILE A 492 1.92 -15.46 7.98
C ILE A 492 2.85 -14.58 7.10
N TRP A 493 3.30 -13.44 7.62
CA TRP A 493 4.11 -12.50 6.81
C TRP A 493 5.42 -13.18 6.40
N ILE A 494 6.11 -13.82 7.34
CA ILE A 494 7.40 -14.49 7.03
C ILE A 494 7.10 -15.79 6.28
N GLY A 495 6.02 -16.48 6.72
CA GLY A 495 5.57 -17.75 6.15
C GLY A 495 5.51 -17.65 4.65
N GLY A 496 4.57 -16.87 4.13
CA GLY A 496 4.29 -16.76 2.69
C GLY A 496 5.48 -16.20 1.93
N ASN A 497 6.20 -15.24 2.51
CA ASN A 497 7.31 -14.52 1.82
C ASN A 497 8.52 -15.43 1.74
N ALA A 498 8.67 -16.38 2.69
CA ALA A 498 9.76 -17.39 2.76
C ALA A 498 9.68 -18.40 1.60
N GLU A 499 8.52 -18.52 0.94
CA GLU A 499 8.30 -19.46 -0.18
C GLU A 499 9.00 -18.91 -1.41
N PRO A 500 9.66 -19.78 -2.24
CA PRO A 500 10.19 -19.36 -3.53
C PRO A 500 9.10 -19.00 -4.56
N MET A 501 9.43 -18.07 -5.47
CA MET A 501 8.48 -17.36 -6.38
C MET A 501 7.97 -18.29 -7.47
N VAL A 502 6.67 -18.25 -7.75
CA VAL A 502 6.03 -19.04 -8.84
C VAL A 502 6.67 -18.66 -10.18
N GLU A 503 6.50 -19.48 -11.22
CA GLU A 503 7.07 -19.25 -12.58
C GLU A 503 6.54 -17.90 -13.11
N ARG A 504 7.44 -17.00 -13.48
CA ARG A 504 7.16 -15.67 -14.11
C ARG A 504 6.48 -14.66 -13.16
N GLY A 505 6.50 -14.89 -11.84
CA GLY A 505 5.97 -13.94 -10.84
C GLY A 505 7.00 -13.59 -9.75
N ARG A 506 6.59 -12.77 -8.77
CA ARG A 506 7.50 -12.25 -7.70
C ARG A 506 6.97 -12.55 -6.30
N VAL A 507 5.91 -13.38 -6.20
CA VAL A 507 5.44 -14.01 -4.92
C VAL A 507 5.37 -15.52 -5.13
N GLY A 508 5.43 -16.28 -4.03
CA GLY A 508 5.35 -17.75 -3.99
C GLY A 508 3.90 -18.25 -3.96
N PRO A 509 3.67 -19.58 -3.90
CA PRO A 509 2.32 -20.13 -4.05
C PRO A 509 1.28 -19.60 -3.04
N LEU A 510 1.58 -19.58 -1.76
CA LEU A 510 0.54 -19.21 -0.77
C LEU A 510 0.20 -17.73 -0.99
N LEU A 511 1.20 -16.90 -1.21
CA LEU A 511 0.94 -15.47 -1.48
C LEU A 511 0.10 -15.33 -2.75
N ALA A 512 0.42 -16.08 -3.81
CA ALA A 512 -0.24 -15.96 -5.14
C ALA A 512 -1.75 -16.20 -5.02
N CYS A 513 -2.13 -17.14 -4.14
CA CYS A 513 -3.54 -17.54 -3.86
C CYS A 513 -4.26 -16.45 -3.03
N LEU A 514 -3.63 -15.99 -1.94
CA LEU A 514 -4.16 -14.93 -1.05
C LEU A 514 -4.36 -13.65 -1.87
N LEU A 515 -3.34 -13.22 -2.63
CA LEU A 515 -3.42 -12.03 -3.52
C LEU A 515 -4.38 -12.31 -4.70
N GLY A 516 -4.23 -13.44 -5.38
CA GLY A 516 -5.08 -13.85 -6.50
C GLY A 516 -6.57 -13.78 -6.16
N ARG A 517 -7.00 -14.47 -5.11
CA ARG A 517 -8.40 -14.44 -4.66
C ARG A 517 -8.81 -12.97 -4.44
N GLN A 518 -8.02 -12.18 -3.69
CA GLN A 518 -8.45 -10.81 -3.26
C GLN A 518 -8.72 -9.97 -4.50
N PHE A 519 -7.77 -9.92 -5.45
CA PHE A 519 -7.86 -9.08 -6.68
C PHE A 519 -9.02 -9.57 -7.55
N GLN A 520 -9.21 -10.89 -7.66
CA GLN A 520 -10.43 -11.50 -8.28
C GLN A 520 -11.68 -10.88 -7.65
N GLN A 521 -11.79 -10.80 -6.32
CA GLN A 521 -13.00 -10.24 -5.68
C GLN A 521 -13.06 -8.70 -5.81
N ILE A 522 -11.93 -7.98 -5.71
CA ILE A 522 -11.97 -6.48 -5.81
C ILE A 522 -12.56 -6.12 -7.19
N ARG A 523 -12.33 -6.94 -8.22
CA ARG A 523 -12.87 -6.75 -9.60
C ARG A 523 -14.36 -7.14 -9.73
N ASP A 524 -14.68 -8.39 -9.41
CA ASP A 524 -15.97 -9.03 -9.75
C ASP A 524 -17.11 -8.42 -8.95
N GLY A 525 -16.84 -7.83 -7.78
CA GLY A 525 -17.86 -7.34 -6.84
C GLY A 525 -17.93 -5.84 -6.87
N ASP A 526 -17.24 -5.25 -7.83
CA ASP A 526 -17.15 -3.78 -8.06
C ASP A 526 -18.15 -3.39 -9.16
N ARG A 527 -19.23 -2.75 -8.74
CA ARG A 527 -20.30 -2.30 -9.66
C ARG A 527 -19.75 -1.15 -10.50
N PHE A 528 -18.67 -0.50 -10.09
CA PHE A 528 -18.08 0.62 -10.87
C PHE A 528 -16.80 0.17 -11.56
N TRP A 529 -16.51 -1.14 -11.57
CA TRP A 529 -15.41 -1.73 -12.39
C TRP A 529 -15.50 -1.16 -13.80
N TRP A 530 -14.38 -0.86 -14.44
CA TRP A 530 -14.34 -0.03 -15.68
C TRP A 530 -14.92 -0.82 -16.86
N GLU A 531 -14.70 -2.14 -16.86
CA GLU A 531 -15.18 -3.08 -17.93
C GLU A 531 -16.65 -3.46 -17.69
N ASN A 532 -17.26 -3.04 -16.56
CA ASN A 532 -18.68 -3.35 -16.25
C ASN A 532 -19.53 -2.51 -17.20
N PRO A 533 -20.41 -3.14 -18.02
CA PRO A 533 -21.14 -2.41 -19.06
C PRO A 533 -22.09 -1.36 -18.46
N GLY A 534 -22.05 -0.15 -19.02
CA GLY A 534 -22.87 0.98 -18.58
C GLY A 534 -22.05 1.96 -17.78
N VAL A 535 -20.98 1.50 -17.15
CA VAL A 535 -20.05 2.32 -16.32
C VAL A 535 -19.35 3.30 -17.27
N PHE A 536 -18.68 2.76 -18.29
CA PHE A 536 -18.16 3.51 -19.46
C PHE A 536 -18.94 3.10 -20.70
N THR A 537 -18.95 3.97 -21.72
CA THR A 537 -19.46 3.64 -23.07
C THR A 537 -18.45 2.70 -23.73
N GLU A 538 -18.88 1.98 -24.77
CA GLU A 538 -18.02 0.96 -25.45
C GLU A 538 -16.83 1.67 -26.03
N LYS A 539 -17.01 2.92 -26.44
CA LYS A 539 -15.97 3.71 -27.14
C LYS A 539 -15.03 4.28 -26.09
N GLN A 540 -15.58 4.86 -25.02
CA GLN A 540 -14.78 5.39 -23.88
C GLN A 540 -13.81 4.28 -23.48
N ARG A 541 -14.30 3.02 -23.45
CA ARG A 541 -13.52 1.81 -23.08
C ARG A 541 -12.47 1.51 -24.15
N ASP A 542 -12.81 1.59 -25.43
CA ASP A 542 -11.79 1.42 -26.50
C ASP A 542 -10.69 2.44 -26.23
N SER A 543 -11.09 3.64 -25.79
CA SER A 543 -10.19 4.78 -25.49
C SER A 543 -9.23 4.37 -24.38
N LEU A 544 -9.82 3.94 -23.26
CA LEU A 544 -9.11 3.64 -22.00
C LEU A 544 -8.10 2.49 -22.18
N GLN A 545 -8.30 1.59 -23.15
CA GLN A 545 -7.41 0.40 -23.35
C GLN A 545 -5.99 0.85 -23.69
N LYS A 546 -5.83 2.12 -24.10
CA LYS A 546 -4.58 2.66 -24.68
C LYS A 546 -3.75 3.37 -23.60
N VAL A 547 -4.28 3.61 -22.39
CA VAL A 547 -3.50 4.26 -21.29
C VAL A 547 -2.22 3.43 -21.06
N SER A 548 -1.13 4.10 -20.64
CA SER A 548 0.08 3.46 -20.05
C SER A 548 0.59 4.36 -18.93
N PHE A 549 1.49 3.84 -18.09
CA PHE A 549 2.22 4.66 -17.11
C PHE A 549 3.18 5.56 -17.89
N SER A 550 3.79 5.07 -18.97
CA SER A 550 4.70 5.86 -19.84
C SER A 550 4.04 7.19 -20.19
N ARG A 551 2.80 7.14 -20.66
CA ARG A 551 2.02 8.34 -21.02
C ARG A 551 1.81 9.24 -19.80
N LEU A 552 1.32 8.69 -18.69
CA LEU A 552 1.04 9.49 -17.47
C LEU A 552 2.20 10.43 -17.19
N ILE A 553 3.45 9.91 -17.30
CA ILE A 553 4.73 10.64 -17.07
C ILE A 553 4.90 11.72 -18.12
N CYS A 554 4.74 11.32 -19.40
CA CYS A 554 4.92 12.16 -20.61
C CYS A 554 4.05 13.39 -20.47
N ASP A 555 2.81 13.22 -20.03
CA ASP A 555 1.78 14.30 -19.90
C ASP A 555 1.90 15.10 -18.58
N ASN A 556 2.67 14.66 -17.57
CA ASN A 556 2.67 15.22 -16.18
C ASN A 556 4.09 15.48 -15.66
N THR A 557 5.08 15.56 -16.56
CA THR A 557 6.51 15.88 -16.26
C THR A 557 7.07 16.65 -17.45
N HIS A 558 8.34 17.07 -17.39
CA HIS A 558 9.08 17.58 -18.57
C HIS A 558 10.00 16.46 -19.10
N ILE A 559 9.83 15.23 -18.61
CA ILE A 559 10.51 14.02 -19.16
C ILE A 559 9.98 13.80 -20.57
N THR A 560 10.88 13.54 -21.51
CA THR A 560 10.60 13.43 -22.97
C THR A 560 10.81 11.99 -23.45
N LYS A 561 11.71 11.26 -22.83
CA LYS A 561 12.09 9.90 -23.25
C LYS A 561 11.63 8.95 -22.15
N VAL A 562 10.81 7.96 -22.48
CA VAL A 562 10.37 6.94 -21.50
C VAL A 562 10.35 5.58 -22.20
N PRO A 563 10.30 4.46 -21.45
CA PRO A 563 10.06 3.16 -22.04
C PRO A 563 8.59 2.95 -22.37
N LEU A 564 8.30 1.92 -23.17
CA LEU A 564 6.93 1.42 -23.47
C LEU A 564 6.38 0.69 -22.24
N HIS A 565 7.15 -0.26 -21.70
CA HIS A 565 6.79 -1.16 -20.58
C HIS A 565 7.56 -0.74 -19.31
N ALA A 566 6.99 0.20 -18.56
CA ALA A 566 7.66 0.96 -17.48
C ALA A 566 7.98 0.09 -16.26
N PHE A 567 7.44 -1.13 -16.21
CA PHE A 567 7.49 -2.03 -15.03
C PHE A 567 8.63 -3.05 -15.15
N GLN A 568 9.01 -3.46 -16.35
CA GLN A 568 10.17 -4.37 -16.51
C GLN A 568 11.44 -3.52 -16.37
N ALA A 569 12.61 -4.13 -16.48
CA ALA A 569 13.91 -3.43 -16.30
C ALA A 569 14.25 -2.70 -17.60
N ASN A 570 14.56 -1.40 -17.53
CA ASN A 570 14.77 -0.54 -18.72
C ASN A 570 16.07 0.25 -18.56
N ASN A 571 16.94 0.16 -19.56
CA ASN A 571 18.28 0.83 -19.57
C ASN A 571 18.25 1.90 -20.65
N TYR A 572 18.83 3.06 -20.35
CA TYR A 572 18.84 4.25 -21.25
C TYR A 572 20.17 4.27 -21.98
N PRO A 573 20.22 4.50 -23.31
CA PRO A 573 19.05 4.86 -24.11
C PRO A 573 18.37 3.69 -24.83
N HIS A 574 18.99 2.51 -24.92
CA HIS A 574 18.45 1.40 -25.74
C HIS A 574 16.93 1.26 -25.54
N ASP A 575 16.44 1.30 -24.30
CA ASP A 575 15.03 0.87 -24.00
C ASP A 575 14.07 2.08 -23.93
N PHE A 576 14.49 3.27 -24.34
CA PHE A 576 13.70 4.53 -24.22
C PHE A 576 13.31 5.06 -25.59
N VAL A 577 12.14 5.70 -25.65
CA VAL A 577 11.53 6.23 -26.91
C VAL A 577 10.92 7.61 -26.63
N ASP A 578 10.95 8.50 -27.62
CA ASP A 578 10.36 9.85 -27.51
C ASP A 578 8.88 9.68 -27.15
N CYS A 579 8.32 10.63 -26.38
CA CYS A 579 6.92 10.66 -25.88
C CYS A 579 5.92 10.67 -27.04
N SER A 580 6.29 11.29 -28.16
CA SER A 580 5.43 11.46 -29.36
C SER A 580 5.02 10.10 -29.94
N THR A 581 5.79 9.03 -29.68
CA THR A 581 5.50 7.67 -30.20
C THR A 581 4.61 6.90 -29.22
N VAL A 582 4.30 7.47 -28.06
CA VAL A 582 3.50 6.78 -27.01
C VAL A 582 2.03 7.18 -27.21
N ASP A 583 1.14 6.18 -27.16
CA ASP A 583 -0.32 6.38 -27.34
C ASP A 583 -0.85 7.32 -26.26
N LYS A 584 -1.82 8.17 -26.61
CA LYS A 584 -2.47 9.13 -25.70
C LYS A 584 -3.84 8.59 -25.29
N LEU A 585 -4.44 9.19 -24.26
CA LEU A 585 -5.87 9.02 -23.94
C LEU A 585 -6.68 9.93 -24.86
N ASP A 586 -7.33 9.38 -25.88
CA ASP A 586 -8.31 10.12 -26.71
C ASP A 586 -9.53 10.45 -25.85
N LEU A 587 -9.71 11.71 -25.44
CA LEU A 587 -10.87 12.16 -24.63
C LEU A 587 -12.05 12.57 -25.52
N SER A 588 -11.92 12.49 -26.85
CA SER A 588 -13.03 12.81 -27.78
C SER A 588 -14.32 12.09 -27.33
N PRO A 589 -14.29 10.77 -27.00
CA PRO A 589 -15.50 10.05 -26.59
C PRO A 589 -16.20 10.49 -25.29
N TRP A 590 -15.73 11.54 -24.62
CA TRP A 590 -16.35 12.10 -23.39
C TRP A 590 -17.05 13.42 -23.74
N ALA A 591 -16.91 13.90 -24.97
CA ALA A 591 -17.69 15.03 -25.53
C ALA A 591 -19.19 14.73 -25.40
N SER A 592 -19.93 15.62 -24.72
CA SER A 592 -21.39 15.51 -24.46
C SER A 592 -22.07 16.76 -25.02
N ARG A 593 -22.88 16.58 -26.07
CA ARG A 593 -23.62 17.64 -26.79
C ARG A 593 -25.13 17.47 -26.55
N GLU A 594 -25.85 18.58 -26.37
CA GLU A 594 -27.32 18.65 -26.15
C GLU A 594 -28.05 18.71 -27.50
N ASN A 595 -27.31 18.58 -28.62
CA ASN A 595 -27.81 18.57 -30.02
C ASN A 595 -27.05 17.51 -30.84
C1 NAG B . 10.76 -9.27 -18.42
C2 NAG B . 11.17 -10.13 -19.61
C3 NAG B . 10.11 -10.02 -20.77
C4 NAG B . 8.68 -10.27 -20.29
C5 NAG B . 8.46 -9.32 -19.11
C6 NAG B . 7.09 -9.45 -18.50
C7 NAG B . 13.67 -10.29 -19.49
C8 NAG B . 13.67 -11.51 -18.61
N2 NAG B . 12.53 -9.72 -19.96
O3 NAG B . 10.34 -10.91 -21.87
O4 NAG B . 7.75 -10.12 -21.39
O5 NAG B . 9.41 -9.62 -18.09
O6 NAG B . 6.15 -9.20 -19.54
O7 NAG B . 14.74 -9.78 -19.75
C1 NAG C . -8.07 27.04 -8.16
C2 NAG C . -6.62 27.38 -7.74
C3 NAG C . -6.09 28.74 -8.24
C4 NAG C . -6.32 28.88 -9.75
C5 NAG C . -7.83 28.68 -9.92
C6 NAG C . -8.40 28.94 -11.31
C7 NAG C . -5.92 26.25 -5.67
C8 NAG C . -5.71 26.37 -4.20
N2 NAG C . -6.49 27.30 -6.28
O3 NAG C . -4.70 28.91 -7.89
O4 NAG C . -5.73 30.13 -10.24
O5 NAG C . -8.23 27.35 -9.55
O6 NAG C . -7.94 27.97 -12.27
O7 NAG C . -5.56 25.26 -6.30
C1 NAG D . 18.54 20.67 5.09
C2 NAG D . 19.79 19.82 4.80
C3 NAG D . 20.99 20.60 4.26
C4 NAG D . 20.54 21.50 3.05
C5 NAG D . 19.32 22.33 3.50
C6 NAG D . 18.76 23.23 2.41
C7 NAG D . 19.79 17.76 6.26
C8 NAG D . 19.92 17.30 7.67
N2 NAG D . 20.06 19.08 6.04
O3 NAG D . 21.98 19.60 3.92
O4 NAG D . 21.58 22.34 2.48
O5 NAG D . 18.23 21.48 3.93
O6 NAG D . 17.45 23.66 2.83
O7 NAG D . 19.43 16.94 5.42
C1 NAG E . -21.36 -15.07 -8.23
C2 NAG E . -21.46 -16.33 -9.10
C3 NAG E . -21.87 -17.63 -8.39
C4 NAG E . -21.18 -17.82 -7.02
C5 NAG E . -21.42 -16.49 -6.27
C6 NAG E . -21.05 -16.56 -4.78
C7 NAG E . -22.07 -16.06 -11.43
C8 NAG E . -23.17 -16.09 -12.45
N2 NAG E . -22.46 -16.15 -10.15
O3 NAG E . -21.58 -18.68 -9.33
O4 NAG E . -21.68 -19.01 -6.34
O5 NAG E . -20.75 -15.38 -6.95
O6 NAG E . -19.63 -16.75 -4.66
O7 NAG E . -20.88 -15.96 -11.72
CA CA F . -9.98 2.31 -2.43
CHA HEM G . 2.36 -1.22 5.85
CHB HEM G . 6.29 1.47 5.10
CHC HEM G . 6.66 -0.36 0.64
CHD HEM G . 2.46 -2.61 1.22
C1A HEM G . 3.42 -0.36 6.01
C1A HEM G . 3.43 -0.37 6.02
C2A HEM G . 3.69 0.34 7.21
C3A HEM G . 4.78 1.10 6.99
C4A HEM G . 5.22 0.88 5.68
CMA HEM G . 5.43 2.02 8.00
CAA HEM G . 2.88 0.25 8.50
CBA HEM G . 3.30 -1.01 9.31
CGA HEM G . 2.43 -1.17 10.55
O1A HEM G . 1.96 -2.30 10.79
O2A HEM G . 2.15 -0.22 11.33
C1B HEM G . 6.71 1.20 3.79
C2B HEM G . 7.84 1.87 3.22
C3B HEM G . 7.99 1.39 1.96
C4B HEM G . 6.88 0.39 1.80
CMB HEM G . 8.64 2.94 3.94
CAB HEM G . 9.02 1.71 0.96
CBB HEM G . 10.06 2.50 1.20
C1C HEM G . 5.54 -1.17 0.40
C2C HEM G . 5.24 -1.82 -0.81
C3C HEM G . 4.02 -2.43 -0.65
C4C HEM G . 3.61 -2.16 0.68
CMC HEM G . 6.12 -1.77 -2.04
CAC HEM G . 3.28 -3.28 -1.59
CBC HEM G . 3.77 -3.70 -2.75
C1D HEM G . 2.11 -2.39 2.56
C2D HEM G . 0.84 -2.90 3.08
C3D HEM G . 0.79 -2.52 4.36
C4D HEM G . 2.05 -1.78 4.64
CMD HEM G . -0.21 -3.69 2.33
CAD HEM G . -0.32 -2.83 5.34
CAD HEM G . -0.38 -2.80 5.32
CBD HEM G . -1.50 -1.87 5.15
CBD HEM G . -1.53 -1.78 5.04
CGD HEM G . -0.96 -0.48 5.05
CGD HEM G . -2.76 -1.89 5.94
O1D HEM G . -0.87 0.03 3.91
O1D HEM G . -3.84 -2.37 5.51
O2D HEM G . -0.62 0.15 6.07
O2D HEM G . -2.75 -1.48 7.13
NA HEM G . 4.38 -0.02 5.08
NA HEM G . 4.39 -0.03 5.09
NB HEM G . 6.17 0.33 2.93
NC HEM G . 4.56 -1.43 1.30
ND HEM G . 2.81 -1.72 3.51
FE HEM G . 4.47 -0.86 3.29
K K H . -8.59 -12.80 7.24
ZN ZN I . 10.97 21.67 -16.46
NA NA J . 1.55 1.61 3.93
#